data_6WV2
#
_entry.id   6WV2
#
_cell.length_a   67.451
_cell.length_b   86.789
_cell.length_c   168.152
_cell.angle_alpha   90.000
_cell.angle_beta   90.000
_cell.angle_gamma   90.000
#
_symmetry.space_group_name_H-M   'P 21 21 21'
#
loop_
_entity.id
_entity.type
_entity.pdbx_description
1 polymer 'Hyaluronan Lyase'
2 non-polymer 'NICKEL (II) ION'
3 water water
#
_entity_poly.entity_id   1
_entity_poly.type   'polypeptide(L)'
_entity_poly.pdbx_seq_one_letter_code
;DYDQLQNKPDLGAFAQKEETNSKITKLESSKADKSAVYSKAESKIELDKKLSLTGGIVTGQLQFKPNKSGIKPSSSVGGA
INIDMSKSEGAAMVMYTNKDTTDGPLMILRSDKDTFDQSAQFVDYSGKTNAVNIVMRQPSAPNFSSALNITSANEGGSAM
QIRGVEKALGTLKITHENPNVEAKYDENAAALSIDIVKKQKGGKGTAAQGIYINSTSGTAGKMLRIRNKNEDKFYVGPDG
GFHSGANSTVAGNLTVKDPTSGKHAATKDYVDEKIAELKKLILKKLEHHHHHH
;
_entity_poly.pdbx_strand_id   A,B,C
#
# COMPACT_ATOMS: atom_id res chain seq x y z
N GLU A 19 -39.52 -68.34 -47.10
CA GLU A 19 -39.45 -67.58 -45.88
C GLU A 19 -38.00 -67.24 -45.52
N THR A 20 -37.36 -66.61 -46.51
CA THR A 20 -36.00 -66.11 -46.39
C THR A 20 -36.03 -64.72 -45.82
N ASN A 21 -37.19 -64.10 -45.76
CA ASN A 21 -37.31 -62.77 -45.24
C ASN A 21 -37.69 -62.72 -43.78
N SER A 22 -37.31 -63.78 -43.07
CA SER A 22 -37.50 -63.86 -41.64
C SER A 22 -36.23 -63.19 -41.17
N LYS A 23 -35.29 -63.11 -42.11
CA LYS A 23 -33.99 -62.47 -41.87
C LYS A 23 -33.98 -60.99 -42.23
N ILE A 24 -34.62 -60.63 -43.33
CA ILE A 24 -34.61 -59.20 -43.68
C ILE A 24 -35.44 -58.37 -42.71
N THR A 25 -36.49 -58.97 -42.19
CA THR A 25 -37.26 -58.30 -41.15
C THR A 25 -36.44 -58.08 -39.88
N LYS A 26 -35.68 -59.10 -39.48
CA LYS A 26 -34.85 -58.95 -38.29
C LYS A 26 -33.68 -58.01 -38.56
N LEU A 27 -33.30 -57.86 -39.82
CA LEU A 27 -32.37 -56.80 -40.20
C LEU A 27 -33.06 -55.44 -40.23
N GLU A 28 -34.33 -55.41 -40.67
CA GLU A 28 -35.06 -54.15 -40.62
C GLU A 28 -35.37 -53.73 -39.20
N SER A 29 -35.54 -54.67 -38.27
CA SER A 29 -35.84 -54.25 -36.91
C SER A 29 -34.56 -53.95 -36.13
N SER A 30 -33.62 -54.89 -36.09
CA SER A 30 -32.52 -54.78 -35.15
C SER A 30 -31.41 -53.81 -35.58
N LYS A 31 -31.51 -53.19 -36.75
CA LYS A 31 -30.41 -52.34 -37.22
C LYS A 31 -30.84 -50.88 -37.35
N ALA A 32 -29.87 -49.98 -37.16
CA ALA A 32 -30.15 -48.56 -37.03
C ALA A 32 -30.38 -47.87 -38.37
N ASP A 33 -31.40 -47.03 -38.43
CA ASP A 33 -31.68 -46.21 -39.61
C ASP A 33 -30.71 -45.04 -39.63
N LYS A 34 -30.17 -44.69 -40.81
CA LYS A 34 -29.30 -43.50 -40.84
C LYS A 34 -30.06 -42.25 -40.39
N SER A 35 -31.33 -42.12 -40.76
CA SER A 35 -32.09 -40.93 -40.38
C SER A 35 -32.09 -40.73 -38.86
N ALA A 36 -32.03 -41.81 -38.09
CA ALA A 36 -32.20 -41.75 -36.64
C ALA A 36 -30.88 -41.80 -35.86
N VAL A 37 -29.75 -41.58 -36.54
CA VAL A 37 -28.45 -41.63 -35.87
C VAL A 37 -27.54 -40.60 -36.53
N TYR A 38 -26.63 -40.03 -35.74
CA TYR A 38 -25.63 -39.12 -36.29
C TYR A 38 -24.52 -39.90 -36.97
N SER A 39 -24.09 -39.43 -38.13
CA SER A 39 -22.88 -39.96 -38.72
C SER A 39 -21.66 -39.40 -37.98
N LYS A 40 -20.50 -39.96 -38.28
CA LYS A 40 -19.27 -39.46 -37.67
C LYS A 40 -18.97 -38.03 -38.10
N ALA A 41 -19.33 -37.66 -39.32
CA ALA A 41 -19.13 -36.27 -39.76
C ALA A 41 -20.03 -35.33 -38.98
N GLU A 42 -21.26 -35.76 -38.69
CA GLU A 42 -22.17 -34.94 -37.90
C GLU A 42 -21.81 -34.94 -36.42
N SER A 43 -21.29 -36.06 -35.92
CA SER A 43 -20.78 -36.11 -34.56
C SER A 43 -19.61 -35.16 -34.37
N LYS A 44 -18.68 -35.14 -35.33
CA LYS A 44 -17.55 -34.21 -35.26
C LYS A 44 -18.02 -32.76 -35.17
N ILE A 45 -18.99 -32.39 -36.01
CA ILE A 45 -19.54 -31.04 -35.98
C ILE A 45 -20.05 -30.71 -34.57
N GLU A 46 -20.78 -31.64 -33.96
CA GLU A 46 -21.32 -31.41 -32.62
C GLU A 46 -20.21 -31.38 -31.58
N LEU A 47 -19.28 -32.33 -31.65
CA LEU A 47 -18.19 -32.38 -30.68
C LEU A 47 -17.29 -31.15 -30.77
N ASP A 48 -17.08 -30.63 -31.99
CA ASP A 48 -16.22 -29.47 -32.17
C ASP A 48 -16.77 -28.22 -31.49
N LYS A 49 -18.07 -28.18 -31.19
CA LYS A 49 -18.62 -27.04 -30.46
C LYS A 49 -18.45 -27.19 -28.95
N LYS A 50 -17.84 -28.27 -28.48
CA LYS A 50 -17.63 -28.51 -27.06
C LYS A 50 -16.15 -28.33 -26.71
N LEU A 51 -15.90 -27.90 -25.47
CA LEU A 51 -14.54 -27.65 -25.01
C LEU A 51 -13.81 -28.97 -24.75
N SER A 52 -12.68 -29.16 -25.41
CA SER A 52 -11.81 -30.28 -25.12
C SER A 52 -11.00 -30.01 -23.85
N LEU A 53 -10.83 -31.06 -23.03
CA LEU A 53 -10.00 -30.94 -21.84
C LEU A 53 -8.57 -30.55 -22.17
N THR A 54 -8.11 -30.86 -23.39
CA THR A 54 -6.77 -30.46 -23.82
C THR A 54 -6.67 -28.98 -24.14
N GLY A 55 -7.79 -28.24 -24.15
CA GLY A 55 -7.75 -26.82 -24.41
C GLY A 55 -8.70 -26.37 -25.49
N GLY A 56 -9.00 -25.08 -25.53
CA GLY A 56 -9.89 -24.55 -26.54
C GLY A 56 -10.11 -23.07 -26.35
N ILE A 57 -11.01 -22.52 -27.17
CA ILE A 57 -11.32 -21.10 -27.17
C ILE A 57 -12.79 -20.92 -26.83
N VAL A 58 -13.08 -20.27 -25.71
CA VAL A 58 -14.44 -19.93 -25.32
C VAL A 58 -14.75 -18.52 -25.80
N THR A 59 -15.86 -18.37 -26.50
CA THR A 59 -16.27 -17.08 -27.05
C THR A 59 -17.46 -16.47 -26.34
N GLY A 60 -18.05 -17.17 -25.38
CA GLY A 60 -19.13 -16.62 -24.60
C GLY A 60 -18.80 -16.53 -23.12
N GLN A 61 -19.80 -16.27 -22.28
CA GLN A 61 -19.56 -16.19 -20.84
C GLN A 61 -19.54 -17.58 -20.23
N LEU A 62 -18.52 -17.86 -19.43
CA LEU A 62 -18.45 -19.07 -18.64
C LEU A 62 -18.86 -18.73 -17.21
N GLN A 63 -20.01 -19.24 -16.79
CA GLN A 63 -20.53 -18.98 -15.46
C GLN A 63 -20.25 -20.16 -14.54
N PHE A 64 -19.80 -19.87 -13.33
CA PHE A 64 -19.64 -20.86 -12.28
C PHE A 64 -20.69 -20.61 -11.21
N LYS A 65 -21.53 -21.60 -10.97
CA LYS A 65 -22.58 -21.54 -9.95
C LYS A 65 -22.56 -22.85 -9.15
N PRO A 66 -21.53 -23.07 -8.36
CA PRO A 66 -21.47 -24.34 -7.62
C PRO A 66 -22.64 -24.58 -6.66
N ASN A 67 -23.20 -25.80 -6.69
CA ASN A 67 -24.31 -26.15 -5.76
C ASN A 67 -23.70 -26.95 -4.61
N LYS A 68 -24.15 -28.20 -4.44
CA LYS A 68 -23.59 -29.10 -3.41
C LYS A 68 -22.58 -29.89 -4.22
N SER A 69 -21.48 -29.19 -4.50
CA SER A 69 -20.37 -29.59 -5.40
C SER A 69 -19.11 -29.93 -4.61
N GLY A 70 -19.09 -29.54 -3.35
CA GLY A 70 -17.99 -29.78 -2.39
C GLY A 70 -16.83 -28.83 -2.61
N ILE A 71 -17.10 -27.61 -3.09
CA ILE A 71 -16.03 -26.64 -3.29
C ILE A 71 -15.37 -26.35 -1.95
N LYS A 72 -14.05 -26.41 -1.89
CA LYS A 72 -13.38 -26.22 -0.60
C LYS A 72 -12.55 -24.96 -0.49
N PRO A 73 -12.33 -24.50 0.75
CA PRO A 73 -11.51 -23.28 0.89
C PRO A 73 -10.00 -23.49 0.77
N SER A 74 -9.52 -24.73 0.70
CA SER A 74 -8.08 -25.03 0.71
C SER A 74 -7.31 -24.16 -0.28
N SER A 75 -6.24 -23.51 0.21
CA SER A 75 -5.38 -22.69 -0.62
C SER A 75 -4.50 -23.52 -1.56
N SER A 76 -4.60 -24.85 -1.54
CA SER A 76 -3.90 -25.71 -2.49
C SER A 76 -4.84 -26.42 -3.44
N VAL A 77 -5.93 -27.01 -2.95
CA VAL A 77 -6.83 -27.83 -3.76
C VAL A 77 -8.25 -27.28 -3.82
N GLY A 78 -8.52 -26.12 -3.23
CA GLY A 78 -9.86 -25.59 -3.16
C GLY A 78 -10.21 -24.73 -4.36
N GLY A 79 -11.39 -24.13 -4.28
CA GLY A 79 -11.85 -23.16 -5.25
C GLY A 79 -12.79 -23.78 -6.28
N ALA A 80 -13.75 -22.96 -6.76
CA ALA A 80 -14.56 -23.38 -7.89
C ALA A 80 -13.70 -23.54 -9.13
N ILE A 81 -12.71 -22.66 -9.30
CA ILE A 81 -11.61 -22.87 -10.24
C ILE A 81 -10.35 -23.11 -9.41
N ASN A 82 -9.62 -24.17 -9.72
CA ASN A 82 -8.32 -24.41 -9.12
C ASN A 82 -7.29 -24.55 -10.22
N ILE A 83 -6.22 -23.76 -10.14
CA ILE A 83 -5.12 -23.82 -11.08
C ILE A 83 -3.88 -24.23 -10.29
N ASP A 84 -3.35 -25.41 -10.61
CA ASP A 84 -2.15 -25.92 -9.97
C ASP A 84 -1.04 -25.87 -11.01
N MET A 85 -0.04 -25.02 -10.78
CA MET A 85 1.07 -24.84 -11.72
C MET A 85 2.31 -25.63 -11.29
N SER A 86 2.15 -26.56 -10.35
CA SER A 86 3.28 -27.32 -9.83
C SER A 86 4.00 -28.08 -10.94
N LYS A 87 3.28 -28.51 -11.98
CA LYS A 87 3.84 -29.35 -13.02
C LYS A 87 4.05 -28.61 -14.34
N SER A 88 4.08 -27.27 -14.32
CA SER A 88 4.08 -26.56 -15.58
C SER A 88 4.81 -25.23 -15.47
N GLU A 89 5.51 -24.87 -16.55
CA GLU A 89 6.01 -23.52 -16.71
C GLU A 89 4.84 -22.57 -16.96
N GLY A 90 5.10 -21.28 -16.80
CA GLY A 90 4.16 -20.27 -17.24
C GLY A 90 3.28 -19.75 -16.12
N ALA A 91 2.42 -18.80 -16.51
CA ALA A 91 1.48 -18.19 -15.58
C ALA A 91 0.26 -19.08 -15.36
N ALA A 92 -0.37 -18.92 -14.21
CA ALA A 92 -1.66 -19.57 -13.96
C ALA A 92 -2.77 -18.92 -14.80
N MET A 93 -2.85 -17.59 -14.79
CA MET A 93 -3.84 -16.89 -15.58
C MET A 93 -3.31 -15.53 -16.01
N VAL A 94 -3.63 -15.16 -17.25
CA VAL A 94 -3.26 -13.87 -17.81
C VAL A 94 -4.52 -13.19 -18.33
N MET A 95 -4.74 -11.94 -17.91
CA MET A 95 -5.82 -11.11 -18.41
C MET A 95 -5.23 -9.93 -19.14
N TYR A 96 -5.49 -9.82 -20.44
CA TYR A 96 -4.84 -8.82 -21.28
C TYR A 96 -5.89 -8.02 -22.03
N THR A 97 -5.63 -6.73 -22.18
CA THR A 97 -6.45 -5.89 -23.05
C THR A 97 -5.60 -4.77 -23.64
N ASN A 98 -5.81 -4.51 -24.92
CA ASN A 98 -5.25 -3.33 -25.58
C ASN A 98 -6.34 -2.35 -26.03
N LYS A 99 -7.51 -2.43 -25.41
CA LYS A 99 -8.63 -1.57 -25.80
C LYS A 99 -8.36 -0.12 -25.40
N ASP A 100 -8.82 0.80 -26.26
CA ASP A 100 -8.63 2.21 -25.98
C ASP A 100 -9.44 2.65 -24.76
N THR A 101 -10.70 2.22 -24.70
CA THR A 101 -11.60 2.50 -23.59
C THR A 101 -12.56 1.33 -23.46
N THR A 102 -13.20 1.23 -22.29
CA THR A 102 -14.17 0.17 -22.06
C THR A 102 -15.04 0.58 -20.86
N ASP A 103 -16.00 -0.28 -20.52
CA ASP A 103 -17.03 0.07 -19.55
C ASP A 103 -16.82 -0.56 -18.17
N GLY A 104 -15.80 -1.39 -18.00
CA GLY A 104 -15.52 -1.93 -16.69
C GLY A 104 -14.10 -2.42 -16.50
N PRO A 105 -13.72 -2.64 -15.24
CA PRO A 105 -12.36 -3.10 -14.93
C PRO A 105 -12.12 -4.51 -15.44
N LEU A 106 -10.84 -4.85 -15.58
CA LEU A 106 -10.46 -6.19 -16.04
C LEU A 106 -10.95 -7.26 -15.05
N MET A 107 -10.61 -7.10 -13.77
CA MET A 107 -10.95 -8.08 -12.75
C MET A 107 -11.70 -7.41 -11.61
N ILE A 108 -12.78 -8.05 -11.16
CA ILE A 108 -13.61 -7.52 -10.08
C ILE A 108 -13.76 -8.60 -9.00
N LEU A 109 -13.51 -8.23 -7.75
CA LEU A 109 -13.85 -9.02 -6.58
C LEU A 109 -14.85 -8.23 -5.76
N ARG A 110 -15.99 -8.85 -5.43
CA ARG A 110 -17.05 -8.13 -4.73
C ARG A 110 -17.68 -9.01 -3.66
N SER A 111 -17.86 -8.44 -2.46
CA SER A 111 -18.59 -9.06 -1.37
C SER A 111 -19.63 -8.07 -0.86
N ASP A 112 -20.86 -8.53 -0.66
CA ASP A 112 -21.99 -7.65 -0.37
C ASP A 112 -22.44 -7.65 1.08
N LYS A 113 -22.25 -8.74 1.82
CA LYS A 113 -22.83 -8.85 3.16
C LYS A 113 -21.88 -8.35 4.23
N ASP A 114 -22.43 -7.58 5.18
CA ASP A 114 -21.64 -6.99 6.25
C ASP A 114 -21.10 -8.03 7.22
N THR A 115 -21.68 -9.23 7.25
CA THR A 115 -21.18 -10.31 8.09
C THR A 115 -20.09 -11.14 7.42
N PHE A 116 -19.78 -10.90 6.15
CA PHE A 116 -18.78 -11.71 5.46
C PHE A 116 -17.46 -11.66 6.21
N ASP A 117 -16.92 -12.84 6.51
CA ASP A 117 -15.82 -12.97 7.47
C ASP A 117 -14.54 -13.50 6.81
N GLN A 118 -14.40 -13.33 5.51
CA GLN A 118 -13.17 -13.69 4.82
C GLN A 118 -12.73 -12.54 3.91
N SER A 119 -11.48 -12.62 3.47
CA SER A 119 -10.95 -11.61 2.57
C SER A 119 -11.51 -11.80 1.16
N ALA A 120 -11.49 -10.72 0.39
CA ALA A 120 -11.73 -10.85 -1.04
C ALA A 120 -10.55 -11.54 -1.73
N GLN A 121 -9.33 -11.18 -1.34
CA GLN A 121 -8.14 -11.80 -1.89
C GLN A 121 -7.12 -12.03 -0.79
N PHE A 122 -6.51 -13.21 -0.82
CA PHE A 122 -5.47 -13.61 0.10
C PHE A 122 -4.30 -14.14 -0.73
N VAL A 123 -3.14 -13.51 -0.62
CA VAL A 123 -1.94 -14.00 -1.28
C VAL A 123 -0.99 -14.50 -0.20
N ASP A 124 -0.64 -15.78 -0.29
CA ASP A 124 0.19 -16.51 0.67
C ASP A 124 1.48 -16.85 -0.06
N TYR A 125 2.49 -16.00 0.08
CA TYR A 125 3.65 -16.04 -0.80
C TYR A 125 4.88 -16.52 -0.05
N SER A 126 5.51 -17.55 -0.59
CA SER A 126 6.89 -17.90 -0.30
C SER A 126 7.70 -17.75 -1.57
N GLY A 127 8.91 -17.21 -1.46
CA GLY A 127 9.72 -17.00 -2.63
C GLY A 127 10.80 -15.96 -2.39
N LYS A 128 11.51 -15.63 -3.47
CA LYS A 128 12.70 -14.79 -3.40
C LYS A 128 12.49 -13.41 -4.01
N THR A 129 11.31 -13.13 -4.58
CA THR A 129 11.04 -11.81 -5.16
C THR A 129 9.75 -11.23 -4.63
N ASN A 130 9.31 -10.09 -5.18
CA ASN A 130 8.17 -9.37 -4.64
C ASN A 130 6.90 -10.20 -4.81
N ALA A 131 6.13 -10.32 -3.72
CA ALA A 131 4.91 -11.11 -3.76
C ALA A 131 3.89 -10.52 -4.72
N VAL A 132 3.69 -9.20 -4.67
CA VAL A 132 2.77 -8.51 -5.57
C VAL A 132 3.48 -7.30 -6.14
N ASN A 133 3.37 -7.13 -7.46
CA ASN A 133 4.08 -6.08 -8.20
C ASN A 133 3.06 -5.30 -9.02
N ILE A 134 2.95 -4.00 -8.75
CA ILE A 134 2.04 -3.11 -9.48
C ILE A 134 2.90 -2.03 -10.15
N VAL A 135 2.85 -1.98 -11.47
CA VAL A 135 3.63 -1.03 -12.26
C VAL A 135 2.66 -0.19 -13.08
N MET A 136 2.77 1.13 -12.94
CA MET A 136 2.07 2.08 -13.81
C MET A 136 3.05 2.57 -14.87
N ARG A 137 2.81 2.19 -16.13
CA ARG A 137 3.70 2.63 -17.19
C ARG A 137 3.56 4.14 -17.41
N GLN A 138 4.57 4.71 -18.06
CA GLN A 138 4.58 6.12 -18.37
C GLN A 138 3.53 6.46 -19.42
N PRO A 139 2.56 7.33 -19.13
CA PRO A 139 1.61 7.76 -20.16
C PRO A 139 2.21 8.80 -21.08
N SER A 140 1.63 8.90 -22.28
CA SER A 140 1.99 9.96 -23.20
C SER A 140 1.83 11.33 -22.56
N ALA A 141 0.78 11.52 -21.76
CA ALA A 141 0.52 12.78 -21.09
C ALA A 141 0.21 12.50 -19.61
N PRO A 142 0.82 13.25 -18.69
CA PRO A 142 0.52 13.06 -17.26
C PRO A 142 -0.97 13.16 -16.93
N ASN A 143 -1.37 12.42 -15.90
CA ASN A 143 -2.75 12.38 -15.44
C ASN A 143 -2.74 12.02 -13.96
N PHE A 144 -3.89 12.22 -13.30
CA PHE A 144 -4.01 12.08 -11.85
C PHE A 144 -4.12 10.64 -11.37
N SER A 145 -3.94 9.65 -12.25
CA SER A 145 -4.10 8.26 -11.86
C SER A 145 -2.94 7.74 -11.01
N SER A 146 -3.25 6.72 -10.20
CA SER A 146 -2.31 6.09 -9.28
C SER A 146 -2.17 4.61 -9.59
N ALA A 147 -1.04 4.04 -9.18
CA ALA A 147 -0.87 2.59 -9.29
C ALA A 147 -1.82 1.84 -8.35
N LEU A 148 -1.98 2.32 -7.12
CA LEU A 148 -2.85 1.67 -6.15
C LEU A 148 -3.61 2.71 -5.36
N ASN A 149 -4.93 2.52 -5.26
CA ASN A 149 -5.82 3.45 -4.58
C ASN A 149 -6.62 2.70 -3.54
N ILE A 150 -6.59 3.20 -2.30
CA ILE A 150 -7.23 2.55 -1.16
C ILE A 150 -8.23 3.53 -0.55
N THR A 151 -9.46 3.05 -0.32
CA THR A 151 -10.45 3.82 0.42
C THR A 151 -11.21 2.91 1.36
N SER A 152 -11.43 3.40 2.58
CA SER A 152 -12.26 2.73 3.57
C SER A 152 -13.26 3.70 4.16
N ALA A 153 -14.49 3.23 4.36
CA ALA A 153 -15.52 3.99 5.06
C ALA A 153 -15.82 3.39 6.44
N ASN A 154 -14.94 2.52 6.94
CA ASN A 154 -15.07 1.93 8.27
C ASN A 154 -14.25 2.74 9.26
N GLU A 155 -14.94 3.46 10.16
CA GLU A 155 -14.24 4.26 11.15
C GLU A 155 -13.60 3.42 12.25
N GLY A 156 -13.92 2.14 12.35
CA GLY A 156 -13.39 1.29 13.40
C GLY A 156 -12.05 0.67 13.14
N GLY A 157 -11.47 0.88 11.96
CA GLY A 157 -10.22 0.24 11.62
C GLY A 157 -9.40 1.09 10.68
N SER A 158 -8.09 0.89 10.74
CA SER A 158 -7.19 1.56 9.79
C SER A 158 -7.55 1.15 8.37
N ALA A 159 -7.52 2.13 7.46
CA ALA A 159 -7.72 1.80 6.06
C ALA A 159 -6.68 0.80 5.56
N MET A 160 -5.45 0.89 6.08
CA MET A 160 -4.39 -0.02 5.66
C MET A 160 -3.42 -0.24 6.81
N GLN A 161 -2.87 -1.46 6.87
CA GLN A 161 -1.85 -1.81 7.87
C GLN A 161 -0.64 -2.47 7.18
N ILE A 162 0.54 -2.17 7.70
CA ILE A 162 1.79 -2.78 7.25
C ILE A 162 2.58 -3.21 8.48
N ARG A 163 3.04 -4.46 8.49
CA ARG A 163 3.96 -4.94 9.52
C ARG A 163 5.13 -5.65 8.87
N GLY A 164 6.34 -5.37 9.36
CA GLY A 164 7.55 -5.98 8.85
C GLY A 164 8.55 -6.20 9.97
N VAL A 165 9.60 -6.95 9.63
CA VAL A 165 10.62 -7.31 10.60
C VAL A 165 12.01 -7.00 10.04
N GLU A 166 12.16 -5.84 9.43
CA GLU A 166 13.40 -5.51 8.73
C GLU A 166 14.56 -5.37 9.71
N LYS A 167 15.73 -5.90 9.33
CA LYS A 167 16.93 -5.70 10.14
C LYS A 167 17.48 -4.30 9.95
N ALA A 168 17.60 -3.84 8.70
CA ALA A 168 18.33 -2.61 8.41
C ALA A 168 17.67 -1.81 7.30
N LEU A 169 16.34 -1.90 7.18
CA LEU A 169 15.60 -1.16 6.17
C LEU A 169 14.29 -0.67 6.78
N GLY A 170 13.58 0.16 6.02
CA GLY A 170 12.28 0.62 6.46
C GLY A 170 11.21 -0.41 6.18
N THR A 171 10.27 -0.54 7.14
CA THR A 171 9.10 -1.38 6.89
C THR A 171 8.34 -0.89 5.67
N LEU A 172 8.22 0.43 5.53
CA LEU A 172 7.74 1.06 4.31
C LEU A 172 8.86 1.91 3.74
N LYS A 173 9.23 1.66 2.49
CA LYS A 173 10.24 2.42 1.78
C LYS A 173 9.60 3.21 0.66
N ILE A 174 9.70 4.54 0.72
CA ILE A 174 9.16 5.43 -0.30
C ILE A 174 10.33 6.15 -0.97
N THR A 175 10.38 6.07 -2.30
CA THR A 175 11.38 6.79 -3.08
C THR A 175 10.68 7.71 -4.07
N HIS A 176 11.00 9.00 -4.00
CA HIS A 176 10.60 9.95 -5.04
C HIS A 176 11.80 10.25 -5.94
N GLU A 177 11.61 10.07 -7.23
CA GLU A 177 12.62 10.40 -8.24
C GLU A 177 12.12 11.58 -9.05
N ASN A 178 13.00 12.56 -9.26
CA ASN A 178 12.68 13.71 -10.11
C ASN A 178 12.32 13.22 -11.50
N PRO A 179 11.12 13.53 -12.01
CA PRO A 179 10.78 13.12 -13.38
C PRO A 179 11.55 13.87 -14.45
N ASN A 180 12.24 14.95 -14.09
CA ASN A 180 12.91 15.81 -15.06
C ASN A 180 14.38 15.97 -14.68
N VAL A 181 15.19 16.31 -15.68
CA VAL A 181 16.61 16.54 -15.43
C VAL A 181 16.83 17.83 -14.64
N GLU A 182 15.98 18.83 -14.81
CA GLU A 182 16.22 20.09 -14.13
C GLU A 182 15.89 19.96 -12.66
N ALA A 183 16.80 20.47 -11.81
CA ALA A 183 16.73 20.27 -10.37
C ALA A 183 15.51 20.96 -9.75
N LYS A 184 15.09 22.09 -10.31
CA LYS A 184 13.97 22.86 -9.77
C LYS A 184 12.59 22.52 -10.35
N TYR A 185 12.48 21.37 -11.01
CA TYR A 185 11.20 20.94 -11.59
C TYR A 185 10.22 20.37 -10.55
N ASP A 186 10.70 19.55 -9.63
CA ASP A 186 9.84 18.85 -8.67
C ASP A 186 9.78 19.56 -7.32
N GLU A 187 9.93 20.89 -7.32
CA GLU A 187 9.99 21.63 -6.07
C GLU A 187 8.71 21.54 -5.24
N ASN A 188 7.58 21.23 -5.86
CA ASN A 188 6.32 21.06 -5.14
C ASN A 188 5.97 19.61 -4.89
N ALA A 189 6.85 18.69 -5.25
CA ALA A 189 6.60 17.27 -5.00
C ALA A 189 7.04 16.90 -3.58
N ALA A 190 6.57 15.75 -3.13
CA ALA A 190 7.01 15.18 -1.87
C ALA A 190 6.98 13.67 -1.97
N ALA A 191 7.74 13.02 -1.08
CA ALA A 191 7.65 11.57 -0.99
C ALA A 191 6.38 11.14 -0.27
N LEU A 192 6.02 11.86 0.80
CA LEU A 192 4.83 11.56 1.59
C LEU A 192 4.03 12.84 1.73
N SER A 193 2.75 12.78 1.34
CA SER A 193 1.83 13.91 1.47
C SER A 193 0.64 13.48 2.31
N ILE A 194 0.34 14.27 3.35
CA ILE A 194 -0.71 13.97 4.30
C ILE A 194 -1.70 15.12 4.31
N ASP A 195 -3.00 14.80 4.24
CA ASP A 195 -4.05 15.79 4.40
C ASP A 195 -5.02 15.33 5.48
N ILE A 196 -5.54 16.30 6.24
CA ILE A 196 -6.42 16.05 7.37
C ILE A 196 -7.64 16.93 7.17
N VAL A 197 -8.79 16.31 6.86
CA VAL A 197 -9.97 17.05 6.42
C VAL A 197 -11.17 16.70 7.29
N LYS A 198 -12.12 17.62 7.33
CA LYS A 198 -13.39 17.39 8.02
C LYS A 198 -14.31 16.52 7.16
N LYS A 199 -15.42 16.10 7.78
CA LYS A 199 -16.43 15.33 7.06
C LYS A 199 -16.98 16.14 5.89
N GLN A 200 -17.01 15.51 4.71
CA GLN A 200 -17.34 16.23 3.50
C GLN A 200 -18.76 16.76 3.52
N LYS A 201 -19.70 15.97 4.03
CA LYS A 201 -21.10 16.40 4.14
C LYS A 201 -21.35 16.92 5.55
N GLY A 202 -21.33 18.24 5.69
CA GLY A 202 -21.74 18.89 6.93
C GLY A 202 -20.74 18.88 8.06
N GLY A 203 -19.47 18.61 7.78
CA GLY A 203 -18.47 18.53 8.84
C GLY A 203 -18.19 19.90 9.44
N LYS A 204 -17.99 19.90 10.76
CA LYS A 204 -17.70 21.14 11.50
C LYS A 204 -16.24 21.28 11.87
N GLY A 205 -15.39 20.33 11.51
CA GLY A 205 -13.99 20.42 11.80
C GLY A 205 -13.41 19.04 12.07
N THR A 206 -12.17 19.04 12.56
CA THR A 206 -11.48 17.80 12.87
C THR A 206 -10.39 18.09 13.90
N ALA A 207 -10.17 17.12 14.79
CA ALA A 207 -9.07 17.15 15.74
C ALA A 207 -8.06 16.04 15.47
N ALA A 208 -8.12 15.45 14.27
CA ALA A 208 -7.23 14.34 13.93
C ALA A 208 -5.80 14.83 13.79
N GLN A 209 -4.87 13.94 14.11
CA GLN A 209 -3.45 14.24 14.07
C GLN A 209 -2.84 13.86 12.73
N GLY A 210 -1.68 14.45 12.45
CA GLY A 210 -0.95 14.13 11.24
C GLY A 210 -0.19 12.82 11.33
N ILE A 211 0.95 12.85 12.02
CA ILE A 211 1.79 11.67 12.20
C ILE A 211 1.88 11.35 13.68
N TYR A 212 1.59 10.10 14.03
CA TYR A 212 1.68 9.60 15.40
C TYR A 212 2.74 8.51 15.41
N ILE A 213 3.84 8.76 16.12
CA ILE A 213 4.92 7.79 16.27
C ILE A 213 4.95 7.34 17.72
N ASN A 214 4.93 6.02 17.93
CA ASN A 214 4.98 5.45 19.26
C ASN A 214 5.84 4.20 19.26
N SER A 215 6.34 3.85 20.44
CA SER A 215 6.97 2.56 20.69
C SER A 215 6.35 2.01 21.96
N THR A 216 5.44 1.04 21.81
CA THR A 216 4.72 0.53 22.98
C THR A 216 5.66 -0.18 23.94
N SER A 217 6.61 -0.95 23.42
CA SER A 217 7.60 -1.59 24.27
C SER A 217 8.79 -0.69 24.57
N GLY A 218 9.03 0.34 23.76
CA GLY A 218 10.13 1.24 23.99
C GLY A 218 11.35 0.97 23.13
N THR A 219 11.84 1.99 22.44
CA THR A 219 12.99 1.84 21.56
C THR A 219 14.12 2.76 21.99
N ALA A 220 15.35 2.33 21.72
CA ALA A 220 16.54 3.13 21.95
C ALA A 220 16.91 4.01 20.76
N GLY A 221 16.25 3.83 19.60
CA GLY A 221 16.62 4.54 18.40
C GLY A 221 16.03 5.93 18.32
N LYS A 222 16.51 6.69 17.33
CA LYS A 222 15.95 8.00 17.05
C LYS A 222 14.52 7.86 16.52
N MET A 223 13.62 8.69 17.04
CA MET A 223 12.22 8.64 16.62
C MET A 223 12.04 9.26 15.24
N LEU A 224 12.74 10.37 14.98
CA LEU A 224 12.71 11.03 13.68
C LEU A 224 14.15 11.40 13.35
N ARG A 225 14.59 11.04 12.13
CA ARG A 225 15.97 11.25 11.72
C ARG A 225 15.99 11.74 10.27
N ILE A 226 16.58 12.91 10.06
CA ILE A 226 16.59 13.57 8.75
C ILE A 226 18.03 13.71 8.28
N ARG A 227 18.29 13.29 7.03
CA ARG A 227 19.62 13.35 6.45
C ARG A 227 19.51 13.90 5.05
N ASN A 228 20.55 14.64 4.62
CA ASN A 228 20.56 15.22 3.27
C ASN A 228 21.97 15.20 2.71
N LYS A 229 22.13 14.56 1.55
CA LYS A 229 23.44 14.40 0.90
C LYS A 229 24.45 13.75 1.84
N ASN A 230 24.05 12.64 2.47
CA ASN A 230 24.95 11.90 3.37
C ASN A 230 25.47 12.66 4.60
N GLU A 231 24.69 13.63 5.06
CA GLU A 231 25.01 14.42 6.22
C GLU A 231 23.74 14.45 7.06
N ASP A 232 23.78 14.04 8.30
CA ASP A 232 22.60 14.11 9.13
C ASP A 232 22.31 15.57 9.45
N LYS A 233 21.05 15.95 9.33
CA LYS A 233 20.66 17.32 9.53
C LYS A 233 19.78 17.60 10.71
N PHE A 234 18.91 16.68 11.08
CA PHE A 234 17.96 16.91 12.15
C PHE A 234 17.49 15.57 12.68
N TYR A 235 17.35 15.46 14.01
CA TYR A 235 16.79 14.24 14.57
C TYR A 235 16.10 14.54 15.90
N VAL A 236 15.13 13.71 16.23
CA VAL A 236 14.49 13.68 17.54
C VAL A 236 14.87 12.36 18.19
N GLY A 237 15.47 12.43 19.38
CA GLY A 237 15.96 11.24 20.04
C GLY A 237 14.86 10.50 20.78
N PRO A 238 15.23 9.35 21.34
CA PRO A 238 14.23 8.54 22.07
C PRO A 238 13.67 9.23 23.31
N ASP A 239 14.39 10.20 23.88
CA ASP A 239 13.93 10.93 25.03
C ASP A 239 13.12 12.18 24.67
N GLY A 240 12.96 12.46 23.38
CA GLY A 240 12.24 13.62 22.92
C GLY A 240 13.09 14.85 22.69
N GLY A 241 14.37 14.81 23.03
CA GLY A 241 15.27 15.89 22.66
C GLY A 241 15.53 15.92 21.18
N PHE A 242 15.70 17.13 20.65
CA PHE A 242 15.96 17.32 19.23
C PHE A 242 17.34 17.93 19.03
N HIS A 243 17.94 17.63 17.89
CA HIS A 243 19.19 18.23 17.45
C HIS A 243 18.99 18.82 16.07
N SER A 244 19.14 20.13 15.94
CA SER A 244 19.05 20.84 14.68
C SER A 244 20.43 21.21 14.18
N GLY A 245 20.67 20.99 12.89
CA GLY A 245 21.97 21.17 12.28
C GLY A 245 22.29 22.54 11.74
N ALA A 246 21.44 23.55 11.96
CA ALA A 246 21.67 24.87 11.36
C ALA A 246 20.81 25.90 12.08
N ASN A 247 21.06 27.17 11.75
CA ASN A 247 20.28 28.29 12.28
C ASN A 247 18.79 28.00 12.22
N SER A 248 18.10 28.40 13.28
CA SER A 248 16.69 28.04 13.46
C SER A 248 15.93 29.24 14.02
N THR A 249 14.60 29.16 13.94
CA THR A 249 13.75 30.28 14.32
C THR A 249 12.50 29.77 15.03
N VAL A 250 12.14 30.44 16.11
CA VAL A 250 10.84 30.29 16.76
C VAL A 250 10.12 31.63 16.68
N ALA A 251 9.01 31.65 15.94
CA ALA A 251 8.18 32.86 15.86
C ALA A 251 7.30 32.94 17.11
N GLY A 252 7.95 33.26 18.22
CA GLY A 252 7.34 33.15 19.52
C GLY A 252 8.41 33.01 20.58
N ASN A 253 7.94 32.89 21.82
CA ASN A 253 8.84 32.64 22.94
C ASN A 253 9.18 31.15 23.03
N LEU A 254 10.38 30.87 23.55
CA LEU A 254 10.81 29.51 23.84
C LEU A 254 11.05 29.38 25.33
N THR A 255 10.34 28.46 25.97
CA THR A 255 10.55 28.18 27.38
C THR A 255 11.61 27.10 27.54
N VAL A 256 12.60 27.38 28.40
CA VAL A 256 13.71 26.45 28.64
C VAL A 256 14.03 26.43 30.14
N LYS A 257 14.85 25.46 30.53
CA LYS A 257 15.42 25.40 31.86
C LYS A 257 16.46 26.49 32.05
N ASP A 258 16.69 26.87 33.31
CA ASP A 258 17.77 27.78 33.62
C ASP A 258 19.11 27.17 33.19
N PRO A 259 20.04 27.97 32.67
CA PRO A 259 21.29 27.40 32.15
C PRO A 259 22.21 26.97 33.27
N THR A 260 22.92 25.85 33.04
CA THR A 260 23.98 25.40 33.93
C THR A 260 25.28 25.16 33.18
N SER A 261 25.37 25.59 31.92
CA SER A 261 26.58 25.41 31.12
C SER A 261 26.70 26.60 30.17
N GLY A 262 27.93 26.80 29.67
CA GLY A 262 28.25 28.01 28.96
C GLY A 262 27.35 28.27 27.74
N LYS A 263 27.04 27.22 26.99
CA LYS A 263 26.27 27.37 25.75
C LYS A 263 24.78 27.09 25.92
N HIS A 264 24.33 26.82 27.14
CA HIS A 264 22.89 26.75 27.39
C HIS A 264 22.25 28.11 27.18
N ALA A 265 21.09 28.12 26.52
CA ALA A 265 20.31 29.34 26.40
C ALA A 265 19.97 29.89 27.78
N ALA A 266 20.12 31.19 27.94
CA ALA A 266 19.84 31.85 29.21
C ALA A 266 18.36 32.20 29.32
N THR A 267 17.80 31.97 30.50
CA THR A 267 16.42 32.35 30.79
C THR A 267 16.35 33.82 31.17
N LYS A 268 15.13 34.36 31.11
CA LYS A 268 14.90 35.71 31.61
C LYS A 268 15.24 35.81 33.10
N ASP A 269 14.86 34.79 33.88
CA ASP A 269 15.20 34.75 35.30
C ASP A 269 16.71 34.84 35.50
N TYR A 270 17.47 34.05 34.73
CA TYR A 270 18.93 34.05 34.91
C TYR A 270 19.52 35.42 34.64
N VAL A 271 19.08 36.08 33.56
CA VAL A 271 19.55 37.42 33.26
C VAL A 271 19.21 38.38 34.39
N ASP A 272 17.97 38.34 34.87
CA ASP A 272 17.54 39.28 35.90
C ASP A 272 18.26 39.05 37.21
N GLU A 273 18.52 37.78 37.55
CA GLU A 273 19.22 37.47 38.79
C GLU A 273 20.66 37.96 38.74
N LYS A 274 21.34 37.79 37.61
CA LYS A 274 22.72 38.25 37.50
C LYS A 274 22.80 39.78 37.48
N ILE A 275 21.81 40.43 36.84
CA ILE A 275 21.75 41.89 36.87
C ILE A 275 21.52 42.39 38.29
N ALA A 276 20.55 41.79 38.98
CA ALA A 276 20.26 42.19 40.36
C ALA A 276 21.47 41.96 41.27
N GLU A 277 22.18 40.85 41.07
CA GLU A 277 23.34 40.56 41.90
C GLU A 277 24.42 41.62 41.73
N LEU A 278 24.70 42.01 40.47
CA LEU A 278 25.73 43.02 40.23
C LEU A 278 25.28 44.39 40.74
N LYS A 279 24.00 44.72 40.55
CA LYS A 279 23.45 45.97 41.09
C LYS A 279 23.69 46.08 42.59
N LYS A 280 23.38 45.02 43.33
CA LYS A 280 23.55 45.04 44.77
C LYS A 280 25.01 45.25 45.15
N LEU A 281 25.93 44.51 44.50
CA LEU A 281 27.34 44.63 44.84
C LEU A 281 27.87 46.04 44.56
N ILE A 282 27.47 46.62 43.43
CA ILE A 282 27.97 47.95 43.06
C ILE A 282 27.41 49.01 43.99
N LEU A 283 26.11 48.94 44.27
CA LEU A 283 25.51 49.87 45.20
C LEU A 283 26.17 49.76 46.56
N LYS A 284 26.70 48.59 46.88
CA LYS A 284 27.37 48.38 48.16
C LYS A 284 28.67 49.18 48.18
N LYS A 285 29.45 49.02 47.12
CA LYS A 285 30.72 49.72 46.96
C LYS A 285 30.51 51.23 46.92
N LEU A 286 29.45 51.67 46.23
CA LEU A 286 29.18 53.09 46.09
C LEU A 286 28.79 53.72 47.41
N GLU A 287 28.01 53.00 48.23
CA GLU A 287 27.51 53.56 49.49
C GLU A 287 28.59 53.66 50.55
N HIS A 288 29.70 52.94 50.41
CA HIS A 288 30.72 52.88 51.44
C HIS A 288 32.08 53.42 51.03
N HIS A 289 32.27 53.86 49.80
CA HIS A 289 33.58 54.34 49.39
C HIS A 289 33.83 55.75 49.93
N HIS A 290 35.11 56.05 50.20
CA HIS A 290 35.48 57.33 50.80
C HIS A 290 36.61 57.96 49.99
N HIS A 291 36.95 59.18 50.38
CA HIS A 291 38.08 59.89 49.80
C HIS A 291 38.96 60.48 50.89
N ASN B 21 -28.50 -64.61 -51.77
CA ASN B 21 -28.94 -65.44 -50.65
C ASN B 21 -27.99 -65.35 -49.48
N SER B 22 -26.99 -64.48 -49.59
CA SER B 22 -26.00 -64.30 -48.54
C SER B 22 -25.58 -62.87 -48.41
N LYS B 23 -26.31 -61.99 -49.06
CA LYS B 23 -25.98 -60.63 -48.92
C LYS B 23 -26.36 -60.36 -47.48
N ILE B 24 -27.41 -61.01 -47.04
CA ILE B 24 -27.93 -60.73 -45.70
C ILE B 24 -26.80 -60.84 -44.69
N THR B 25 -25.88 -61.78 -44.89
CA THR B 25 -24.70 -61.84 -44.04
C THR B 25 -23.86 -60.58 -44.19
N LYS B 26 -23.74 -60.06 -45.42
CA LYS B 26 -22.95 -58.85 -45.59
C LYS B 26 -23.61 -57.64 -44.94
N LEU B 27 -24.94 -57.56 -44.93
CA LEU B 27 -25.59 -56.43 -44.24
C LEU B 27 -25.64 -56.60 -42.73
N GLU B 28 -25.67 -57.84 -42.27
CA GLU B 28 -25.66 -58.12 -40.84
C GLU B 28 -24.27 -57.70 -40.33
N SER B 29 -23.28 -57.78 -41.20
CA SER B 29 -21.91 -57.40 -40.87
C SER B 29 -21.70 -55.89 -41.02
N SER B 30 -21.98 -55.36 -42.21
CA SER B 30 -21.58 -54.00 -42.54
C SER B 30 -22.53 -52.92 -42.01
N LYS B 31 -23.63 -53.29 -41.37
CA LYS B 31 -24.61 -52.32 -40.89
C LYS B 31 -24.65 -52.30 -39.36
N ALA B 32 -24.89 -51.11 -38.80
CA ALA B 32 -24.83 -50.87 -37.37
C ALA B 32 -26.12 -51.33 -36.68
N ASP B 33 -25.96 -52.05 -35.57
CA ASP B 33 -27.08 -52.51 -34.77
C ASP B 33 -27.64 -51.40 -33.87
N LYS B 34 -28.96 -51.42 -33.67
CA LYS B 34 -29.63 -50.46 -32.78
C LYS B 34 -28.96 -50.43 -31.42
N SER B 35 -28.69 -51.63 -30.87
CA SER B 35 -28.17 -51.75 -29.52
C SER B 35 -26.81 -51.06 -29.34
N ALA B 36 -25.99 -51.03 -30.39
CA ALA B 36 -24.60 -50.60 -30.26
C ALA B 36 -24.34 -49.16 -30.68
N VAL B 37 -25.38 -48.34 -30.84
CA VAL B 37 -25.21 -46.95 -31.25
C VAL B 37 -26.24 -46.08 -30.54
N TYR B 38 -25.84 -44.85 -30.24
CA TYR B 38 -26.76 -43.87 -29.67
C TYR B 38 -27.63 -43.24 -30.74
N SER B 39 -28.89 -43.04 -30.41
CA SER B 39 -29.79 -42.27 -31.26
C SER B 39 -29.46 -40.78 -31.18
N LYS B 40 -30.13 -40.01 -32.05
CA LYS B 40 -29.93 -38.56 -32.07
C LYS B 40 -30.34 -37.93 -30.74
N ALA B 41 -31.43 -38.44 -30.14
CA ALA B 41 -31.92 -37.90 -28.88
C ALA B 41 -30.97 -38.20 -27.73
N GLU B 42 -30.39 -39.40 -27.71
CA GLU B 42 -29.46 -39.78 -26.66
C GLU B 42 -28.11 -39.10 -26.82
N SER B 43 -27.76 -38.74 -28.03
CA SER B 43 -26.55 -38.02 -28.29
C SER B 43 -26.69 -36.65 -27.69
N LYS B 44 -27.82 -36.04 -27.95
CA LYS B 44 -28.14 -34.73 -27.47
C LYS B 44 -28.04 -34.66 -25.95
N ILE B 45 -28.59 -35.66 -25.27
CA ILE B 45 -28.56 -35.73 -23.82
C ILE B 45 -27.13 -35.72 -23.32
N GLU B 46 -26.27 -36.52 -23.96
CA GLU B 46 -24.87 -36.58 -23.56
C GLU B 46 -24.15 -35.28 -23.89
N LEU B 47 -24.37 -34.74 -25.09
CA LEU B 47 -23.72 -33.50 -25.48
C LEU B 47 -24.16 -32.33 -24.60
N ASP B 48 -25.43 -32.33 -24.18
CA ASP B 48 -25.92 -31.24 -23.34
C ASP B 48 -25.25 -31.20 -21.97
N LYS B 49 -24.63 -32.30 -21.54
CA LYS B 49 -23.88 -32.30 -20.31
C LYS B 49 -22.46 -31.76 -20.47
N LYS B 50 -22.08 -31.37 -21.67
CA LYS B 50 -20.75 -30.85 -21.95
C LYS B 50 -20.81 -29.34 -22.21
N LEU B 51 -19.72 -28.66 -21.86
CA LEU B 51 -19.65 -27.22 -21.99
C LEU B 51 -19.49 -26.81 -23.46
N SER B 52 -20.40 -25.98 -23.95
CA SER B 52 -20.25 -25.40 -25.28
C SER B 52 -19.26 -24.24 -25.24
N LEU B 53 -18.45 -24.14 -26.30
CA LEU B 53 -17.53 -23.01 -26.43
C LEU B 53 -18.27 -21.67 -26.45
N THR B 54 -19.56 -21.68 -26.81
CA THR B 54 -20.36 -20.46 -26.82
C THR B 54 -20.75 -20.01 -25.41
N GLY B 55 -20.48 -20.81 -24.39
CA GLY B 55 -20.81 -20.43 -23.02
C GLY B 55 -21.64 -21.46 -22.29
N GLY B 56 -21.67 -21.38 -20.97
CA GLY B 56 -22.46 -22.31 -20.19
C GLY B 56 -22.30 -22.06 -18.71
N ILE B 57 -22.89 -22.96 -17.92
CA ILE B 57 -22.88 -22.87 -16.47
C ILE B 57 -22.20 -24.12 -15.92
N VAL B 58 -21.06 -23.92 -15.27
CA VAL B 58 -20.35 -25.01 -14.60
C VAL B 58 -20.79 -25.05 -13.15
N THR B 59 -21.21 -26.23 -12.68
CA THR B 59 -21.72 -26.40 -11.33
C THR B 59 -20.77 -27.18 -10.44
N GLY B 60 -19.66 -27.68 -10.97
CA GLY B 60 -18.67 -28.35 -10.15
C GLY B 60 -17.33 -27.64 -10.18
N GLN B 61 -16.29 -28.30 -9.68
CA GLN B 61 -14.96 -27.70 -9.69
C GLN B 61 -14.30 -27.92 -11.04
N LEU B 62 -13.74 -26.85 -11.59
CA LEU B 62 -12.93 -26.92 -12.80
C LEU B 62 -11.47 -26.85 -12.38
N GLN B 63 -10.74 -27.95 -12.56
CA GLN B 63 -9.34 -28.04 -12.18
C GLN B 63 -8.45 -27.86 -13.41
N PHE B 64 -7.40 -27.07 -13.26
CA PHE B 64 -6.37 -26.92 -14.28
C PHE B 64 -5.10 -27.58 -13.79
N LYS B 65 -4.61 -28.57 -14.53
CA LYS B 65 -3.39 -29.30 -14.21
C LYS B 65 -2.54 -29.43 -15.46
N PRO B 66 -1.96 -28.33 -15.94
CA PRO B 66 -1.10 -28.40 -17.12
C PRO B 66 0.19 -29.13 -16.78
N ASN B 67 0.69 -29.90 -17.74
CA ASN B 67 1.88 -30.70 -17.49
C ASN B 67 2.51 -30.99 -18.85
N LYS B 68 3.66 -30.39 -19.09
CA LYS B 68 4.24 -30.23 -20.42
C LYS B 68 3.15 -29.98 -21.46
N SER B 69 2.48 -28.83 -21.30
CA SER B 69 1.38 -28.44 -22.16
C SER B 69 1.66 -27.18 -22.96
N GLY B 70 2.87 -26.63 -22.86
CA GLY B 70 3.20 -25.40 -23.56
C GLY B 70 2.61 -24.14 -22.97
N ILE B 71 2.32 -24.14 -21.67
CA ILE B 71 1.84 -22.93 -21.01
C ILE B 71 3.00 -21.95 -20.91
N LYS B 72 2.72 -20.68 -21.21
CA LYS B 72 3.76 -19.69 -21.33
C LYS B 72 3.59 -18.59 -20.27
N PRO B 73 4.67 -17.85 -19.96
CA PRO B 73 4.54 -16.73 -19.03
C PRO B 73 4.07 -15.42 -19.66
N SER B 74 3.96 -15.35 -20.98
CA SER B 74 3.65 -14.11 -21.69
C SER B 74 2.47 -13.37 -21.06
N SER B 75 2.68 -12.09 -20.76
CA SER B 75 1.64 -11.23 -20.21
C SER B 75 0.55 -10.86 -21.23
N SER B 76 0.65 -11.32 -22.47
CA SER B 76 -0.40 -11.13 -23.46
C SER B 76 -1.12 -12.42 -23.84
N VAL B 77 -0.37 -13.49 -24.13
CA VAL B 77 -0.94 -14.73 -24.63
C VAL B 77 -0.70 -15.92 -23.71
N GLY B 78 -0.10 -15.71 -22.54
CA GLY B 78 0.26 -16.80 -21.67
C GLY B 78 -0.85 -17.21 -20.71
N GLY B 79 -0.51 -18.14 -19.84
CA GLY B 79 -1.40 -18.56 -18.77
C GLY B 79 -2.14 -19.84 -19.09
N ALA B 80 -2.42 -20.63 -18.05
CA ALA B 80 -3.31 -21.77 -18.22
C ALA B 80 -4.71 -21.30 -18.58
N ILE B 81 -5.14 -20.17 -18.01
CA ILE B 81 -6.29 -19.42 -18.49
C ILE B 81 -5.77 -18.12 -19.08
N ASN B 82 -6.22 -17.79 -20.29
CA ASN B 82 -5.94 -16.50 -20.91
C ASN B 82 -7.26 -15.84 -21.29
N ILE B 83 -7.44 -14.60 -20.82
CA ILE B 83 -8.61 -13.80 -21.15
C ILE B 83 -8.13 -12.57 -21.89
N ASP B 84 -8.53 -12.44 -23.15
CA ASP B 84 -8.20 -11.29 -24.00
C ASP B 84 -9.49 -10.49 -24.22
N MET B 85 -9.51 -9.28 -23.69
CA MET B 85 -10.67 -8.41 -23.80
C MET B 85 -10.51 -7.35 -24.90
N SER B 86 -9.51 -7.52 -25.78
CA SER B 86 -9.23 -6.52 -26.81
C SER B 86 -10.42 -6.27 -27.72
N LYS B 87 -11.24 -7.28 -27.97
CA LYS B 87 -12.32 -7.16 -28.93
C LYS B 87 -13.70 -7.17 -28.28
N SER B 88 -13.80 -6.85 -27.00
CA SER B 88 -15.06 -7.04 -26.28
C SER B 88 -15.20 -6.01 -25.16
N GLU B 89 -16.44 -5.56 -24.96
CA GLU B 89 -16.78 -4.79 -23.78
C GLU B 89 -16.78 -5.68 -22.54
N GLY B 90 -16.75 -5.05 -21.37
CA GLY B 90 -16.99 -5.76 -20.12
C GLY B 90 -15.73 -6.15 -19.40
N ALA B 91 -15.93 -6.79 -18.25
CA ALA B 91 -14.84 -7.27 -17.42
C ALA B 91 -14.29 -8.59 -17.96
N ALA B 92 -13.01 -8.84 -17.67
CA ALA B 92 -12.44 -10.15 -17.97
C ALA B 92 -12.99 -11.23 -17.05
N MET B 93 -12.98 -10.98 -15.73
CA MET B 93 -13.55 -11.93 -14.79
C MET B 93 -14.12 -11.20 -13.59
N VAL B 94 -15.23 -11.71 -13.08
CA VAL B 94 -15.92 -11.16 -11.91
C VAL B 94 -16.08 -12.26 -10.89
N MET B 95 -15.67 -11.99 -9.64
CA MET B 95 -15.90 -12.88 -8.51
C MET B 95 -16.83 -12.20 -7.54
N TYR B 96 -18.01 -12.78 -7.35
CA TYR B 96 -19.08 -12.18 -6.57
C TYR B 96 -19.56 -13.17 -5.52
N THR B 97 -19.90 -12.65 -4.33
CA THR B 97 -20.58 -13.46 -3.34
C THR B 97 -21.51 -12.57 -2.52
N ASN B 98 -22.71 -13.09 -2.27
CA ASN B 98 -23.67 -12.49 -1.35
C ASN B 98 -23.87 -13.37 -0.13
N LYS B 99 -22.93 -14.26 0.14
CA LYS B 99 -23.03 -15.17 1.26
C LYS B 99 -22.83 -14.42 2.58
N ASP B 100 -23.60 -14.81 3.59
CA ASP B 100 -23.49 -14.17 4.89
C ASP B 100 -22.14 -14.47 5.53
N THR B 101 -21.70 -15.72 5.45
CA THR B 101 -20.43 -16.16 6.01
C THR B 101 -19.90 -17.30 5.15
N THR B 102 -18.61 -17.58 5.27
CA THR B 102 -18.02 -18.67 4.51
C THR B 102 -16.70 -19.07 5.17
N ASP B 103 -16.07 -20.09 4.59
CA ASP B 103 -14.92 -20.75 5.20
C ASP B 103 -13.58 -20.40 4.56
N GLY B 104 -13.57 -19.59 3.48
CA GLY B 104 -12.33 -19.15 2.90
C GLY B 104 -12.47 -17.89 2.06
N PRO B 105 -11.34 -17.27 1.73
CA PRO B 105 -11.37 -16.05 0.92
C PRO B 105 -11.85 -16.32 -0.50
N LEU B 106 -12.32 -15.27 -1.16
CA LEU B 106 -12.80 -15.40 -2.53
C LEU B 106 -11.70 -15.89 -3.48
N MET B 107 -10.56 -15.21 -3.48
CA MET B 107 -9.45 -15.54 -4.37
C MET B 107 -8.19 -15.76 -3.55
N ILE B 108 -7.47 -16.83 -3.87
CA ILE B 108 -6.24 -17.19 -3.17
C ILE B 108 -5.12 -17.36 -4.21
N LEU B 109 -4.00 -16.70 -3.97
CA LEU B 109 -2.75 -16.97 -4.67
C LEU B 109 -1.75 -17.48 -3.64
N ARG B 110 -1.15 -18.64 -3.92
CA ARG B 110 -0.25 -19.26 -2.96
C ARG B 110 0.96 -19.85 -3.65
N SER B 111 2.14 -19.59 -3.09
CA SER B 111 3.38 -20.22 -3.50
C SER B 111 4.04 -20.81 -2.27
N ASP B 112 4.50 -22.06 -2.36
CA ASP B 112 4.97 -22.78 -1.20
C ASP B 112 6.48 -22.87 -1.08
N LYS B 113 7.22 -22.81 -2.18
CA LYS B 113 8.66 -23.02 -2.12
C LYS B 113 9.36 -21.68 -1.95
N ASP B 114 10.29 -21.63 -1.00
CA ASP B 114 11.03 -20.40 -0.73
C ASP B 114 12.00 -20.04 -1.85
N THR B 115 12.29 -20.99 -2.75
CA THR B 115 13.11 -20.72 -3.91
C THR B 115 12.31 -20.14 -5.07
N PHE B 116 11.00 -20.06 -4.95
CA PHE B 116 10.15 -19.54 -6.02
C PHE B 116 10.60 -18.13 -6.40
N ASP B 117 10.86 -17.91 -7.69
CA ASP B 117 11.55 -16.73 -8.16
C ASP B 117 10.69 -15.85 -9.06
N GLN B 118 9.37 -15.95 -8.93
CA GLN B 118 8.44 -15.08 -9.62
C GLN B 118 7.41 -14.55 -8.63
N SER B 119 6.71 -13.50 -9.04
CA SER B 119 5.66 -12.91 -8.21
C SER B 119 4.41 -13.79 -8.20
N ALA B 120 3.63 -13.63 -7.13
CA ALA B 120 2.27 -14.19 -7.14
C ALA B 120 1.36 -13.40 -8.07
N GLN B 121 1.49 -12.08 -8.08
CA GLN B 121 0.67 -11.22 -8.93
C GLN B 121 1.52 -10.11 -9.54
N PHE B 122 1.32 -9.89 -10.84
CA PHE B 122 2.00 -8.82 -11.57
C PHE B 122 0.94 -8.05 -12.33
N VAL B 123 0.83 -6.75 -12.06
CA VAL B 123 -0.11 -5.88 -12.77
C VAL B 123 0.71 -4.92 -13.61
N ASP B 124 0.54 -5.00 -14.92
CA ASP B 124 1.28 -4.20 -15.91
C ASP B 124 0.27 -3.25 -16.54
N TYR B 125 0.15 -2.05 -15.97
CA TYR B 125 -0.97 -1.17 -16.27
C TYR B 125 -0.52 0.07 -17.04
N SER B 126 -1.18 0.30 -18.18
CA SER B 126 -1.21 1.60 -18.83
C SER B 126 -2.66 2.09 -18.85
N GLY B 127 -2.85 3.37 -18.61
CA GLY B 127 -4.18 3.93 -18.58
C GLY B 127 -4.23 5.24 -17.83
N LYS B 128 -5.45 5.76 -17.71
CA LYS B 128 -5.67 7.09 -17.15
C LYS B 128 -6.37 7.08 -15.79
N THR B 129 -6.68 5.90 -15.25
CA THR B 129 -7.27 5.81 -13.92
C THR B 129 -6.44 4.85 -13.08
N ASN B 130 -6.91 4.59 -11.85
CA ASN B 130 -6.11 3.84 -10.90
C ASN B 130 -5.95 2.39 -11.34
N ALA B 131 -4.71 1.90 -11.31
CA ALA B 131 -4.43 0.54 -11.78
C ALA B 131 -5.14 -0.51 -10.94
N VAL B 132 -5.08 -0.37 -9.62
CA VAL B 132 -5.75 -1.28 -8.71
C VAL B 132 -6.52 -0.44 -7.70
N ASN B 133 -7.80 -0.76 -7.54
CA ASN B 133 -8.67 -0.03 -6.62
C ASN B 133 -9.28 -0.96 -5.59
N ILE B 134 -9.05 -0.64 -4.32
CA ILE B 134 -9.57 -1.42 -3.20
C ILE B 134 -10.48 -0.52 -2.38
N VAL B 135 -11.76 -0.89 -2.29
CA VAL B 135 -12.76 -0.11 -1.58
C VAL B 135 -13.38 -1.00 -0.51
N MET B 136 -13.33 -0.56 0.75
CA MET B 136 -14.11 -1.18 1.82
C MET B 136 -15.31 -0.29 2.11
N ARG B 137 -16.50 -0.81 1.85
CA ARG B 137 -17.73 -0.07 2.07
C ARG B 137 -17.97 0.17 3.56
N GLN B 138 -18.87 1.09 3.85
CA GLN B 138 -19.22 1.40 5.23
C GLN B 138 -19.94 0.20 5.85
N PRO B 139 -19.43 -0.36 6.94
CA PRO B 139 -20.13 -1.47 7.59
C PRO B 139 -21.32 -0.99 8.42
N SER B 140 -22.23 -1.93 8.68
CA SER B 140 -23.35 -1.65 9.57
C SER B 140 -22.87 -1.15 10.93
N ALA B 141 -21.80 -1.75 11.44
CA ALA B 141 -21.20 -1.37 12.72
C ALA B 141 -19.69 -1.30 12.56
N PRO B 142 -19.05 -0.27 13.10
CA PRO B 142 -17.58 -0.18 13.03
C PRO B 142 -16.92 -1.45 13.56
N ASN B 143 -15.80 -1.81 12.96
CA ASN B 143 -15.05 -3.00 13.36
C ASN B 143 -13.57 -2.83 13.05
N PHE B 144 -12.75 -3.72 13.59
CA PHE B 144 -11.30 -3.67 13.38
C PHE B 144 -10.91 -4.41 12.10
N SER B 145 -11.12 -3.78 10.96
CA SER B 145 -10.78 -4.37 9.68
C SER B 145 -10.27 -3.32 8.71
N SER B 146 -9.37 -3.70 7.87
CA SER B 146 -8.73 -2.79 6.94
C SER B 146 -9.02 -3.18 5.50
N ALA B 147 -8.90 -2.20 4.61
CA ALA B 147 -9.00 -2.48 3.17
C ALA B 147 -7.82 -3.31 2.68
N LEU B 148 -6.62 -3.02 3.16
CA LEU B 148 -5.42 -3.71 2.73
C LEU B 148 -4.52 -3.97 3.93
N ASN B 149 -4.07 -5.21 4.08
CA ASN B 149 -3.25 -5.62 5.21
C ASN B 149 -1.98 -6.28 4.69
N ILE B 150 -0.83 -5.77 5.12
CA ILE B 150 0.46 -6.24 4.64
C ILE B 150 1.28 -6.72 5.82
N THR B 151 1.89 -7.91 5.64
CA THR B 151 2.75 -8.54 6.64
C THR B 151 3.84 -9.43 6.01
N SER B 152 5.09 -9.10 6.34
CA SER B 152 6.28 -9.79 5.88
C SER B 152 7.06 -10.30 7.09
N ALA B 153 7.56 -11.53 6.98
CA ALA B 153 8.49 -12.09 7.95
C ALA B 153 9.89 -12.19 7.38
N ASN B 154 10.15 -11.46 6.30
CA ASN B 154 11.46 -11.41 5.64
C ASN B 154 12.20 -10.20 6.20
N GLU B 155 13.23 -10.47 7.03
CA GLU B 155 14.00 -9.38 7.61
C GLU B 155 14.96 -8.73 6.61
N GLY B 156 15.19 -9.35 5.46
CA GLY B 156 16.12 -8.81 4.49
C GLY B 156 15.56 -7.78 3.54
N GLY B 157 14.27 -7.49 3.62
CA GLY B 157 13.65 -6.58 2.67
C GLY B 157 12.51 -5.82 3.31
N SER B 158 12.24 -4.63 2.77
CA SER B 158 11.09 -3.85 3.19
C SER B 158 9.81 -4.62 2.95
N ALA B 159 8.88 -4.55 3.91
CA ALA B 159 7.57 -5.15 3.70
C ALA B 159 6.88 -4.54 2.48
N MET B 160 7.12 -3.27 2.25
CA MET B 160 6.53 -2.54 1.14
C MET B 160 7.41 -1.43 0.55
N GLN B 161 7.44 -1.33 -0.77
CA GLN B 161 8.19 -0.27 -1.43
C GLN B 161 7.26 0.49 -2.37
N ILE B 162 7.45 1.81 -2.43
CA ILE B 162 6.73 2.67 -3.37
C ILE B 162 7.74 3.57 -4.05
N ARG B 163 7.67 3.66 -5.37
CA ARG B 163 8.47 4.63 -6.11
C ARG B 163 7.57 5.38 -7.08
N GLY B 164 7.76 6.70 -7.14
CA GLY B 164 7.00 7.54 -8.02
C GLY B 164 7.85 8.68 -8.55
N VAL B 165 7.32 9.39 -9.54
CA VAL B 165 8.04 10.48 -10.18
C VAL B 165 7.17 11.73 -10.24
N GLU B 166 6.48 12.03 -9.14
CA GLU B 166 5.51 13.12 -9.15
C GLU B 166 6.19 14.47 -9.33
N LYS B 167 5.58 15.32 -10.15
CA LYS B 167 6.04 16.70 -10.30
C LYS B 167 5.66 17.55 -9.09
N ALA B 168 4.39 17.45 -8.65
CA ALA B 168 3.86 18.38 -7.66
C ALA B 168 2.91 17.68 -6.69
N LEU B 169 3.13 16.40 -6.43
CA LEU B 169 2.29 15.65 -5.50
C LEU B 169 3.18 14.71 -4.67
N GLY B 170 2.56 14.08 -3.68
CA GLY B 170 3.26 13.09 -2.88
C GLY B 170 3.28 11.74 -3.59
N THR B 171 4.42 11.05 -3.48
CA THR B 171 4.50 9.68 -3.96
C THR B 171 3.46 8.81 -3.25
N LEU B 172 3.30 9.01 -1.95
CA LEU B 172 2.21 8.46 -1.16
C LEU B 172 1.34 9.61 -0.66
N LYS B 173 0.04 9.55 -0.96
CA LYS B 173 -0.91 10.54 -0.49
C LYS B 173 -1.87 9.87 0.50
N ILE B 174 -1.88 10.36 1.74
CA ILE B 174 -2.76 9.85 2.79
C ILE B 174 -3.74 10.96 3.16
N THR B 175 -5.03 10.64 3.13
CA THR B 175 -6.08 11.56 3.57
C THR B 175 -6.89 10.91 4.68
N HIS B 176 -6.97 11.57 5.83
CA HIS B 176 -7.91 11.19 6.88
C HIS B 176 -9.08 12.16 6.87
N GLU B 177 -10.29 11.62 6.78
CA GLU B 177 -11.52 12.40 6.86
C GLU B 177 -12.24 12.08 8.16
N ASN B 178 -12.69 13.10 8.85
CA ASN B 178 -13.49 12.92 10.05
C ASN B 178 -14.73 12.11 9.71
N PRO B 179 -14.96 10.95 10.36
CA PRO B 179 -16.19 10.18 10.10
C PRO B 179 -17.44 10.85 10.62
N ASN B 180 -17.31 11.88 11.46
CA ASN B 180 -18.44 12.50 12.14
C ASN B 180 -18.45 14.00 11.86
N VAL B 181 -19.63 14.59 11.99
CA VAL B 181 -19.76 16.04 11.82
C VAL B 181 -19.10 16.80 12.96
N GLU B 182 -19.06 16.21 14.16
CA GLU B 182 -18.52 16.91 15.31
C GLU B 182 -17.00 17.00 15.25
N ALA B 183 -16.47 18.18 15.55
CA ALA B 183 -15.07 18.49 15.27
C ALA B 183 -14.10 17.66 16.10
N LYS B 184 -14.45 17.36 17.35
CA LYS B 184 -13.52 16.66 18.23
C LYS B 184 -13.72 15.14 18.23
N TYR B 185 -14.63 14.62 17.40
CA TYR B 185 -14.92 13.19 17.40
C TYR B 185 -13.69 12.36 17.11
N ASP B 186 -12.86 12.81 16.16
CA ASP B 186 -11.68 12.07 15.72
C ASP B 186 -10.39 12.53 16.40
N GLU B 187 -10.50 13.02 17.64
CA GLU B 187 -9.34 13.57 18.33
C GLU B 187 -8.24 12.54 18.58
N ASN B 188 -8.56 11.26 18.58
CA ASN B 188 -7.55 10.21 18.76
C ASN B 188 -7.12 9.56 17.46
N ALA B 189 -7.61 10.06 16.32
CA ALA B 189 -7.22 9.54 15.02
C ALA B 189 -5.93 10.19 14.52
N ALA B 190 -5.32 9.56 13.52
CA ALA B 190 -4.18 10.12 12.84
C ALA B 190 -4.20 9.68 11.38
N ALA B 191 -3.50 10.43 10.52
CA ALA B 191 -3.33 9.99 9.15
C ALA B 191 -2.30 8.86 9.05
N LEU B 192 -1.21 8.98 9.80
CA LEU B 192 -0.16 7.98 9.82
C LEU B 192 0.14 7.63 11.27
N SER B 193 0.06 6.34 11.58
CA SER B 193 0.35 5.83 12.92
C SER B 193 1.49 4.82 12.81
N ILE B 194 2.52 5.02 13.63
CA ILE B 194 3.72 4.20 13.61
C ILE B 194 3.92 3.60 14.99
N ASP B 195 4.18 2.29 15.04
CA ASP B 195 4.56 1.61 16.27
C ASP B 195 5.87 0.87 16.05
N ILE B 196 6.69 0.84 17.10
CA ILE B 196 8.02 0.26 17.06
C ILE B 196 8.11 -0.72 18.22
N VAL B 197 8.15 -2.01 17.92
CA VAL B 197 7.99 -3.04 18.95
C VAL B 197 9.16 -4.02 18.90
N LYS B 198 9.38 -4.66 20.04
CA LYS B 198 10.35 -5.73 20.21
C LYS B 198 9.83 -7.03 19.60
N LYS B 199 10.71 -8.02 19.49
CA LYS B 199 10.27 -9.35 19.09
C LYS B 199 9.34 -9.90 20.17
N GLN B 200 8.14 -10.28 19.73
CA GLN B 200 7.10 -10.79 20.61
C GLN B 200 7.52 -12.01 21.42
N LYS B 201 8.11 -13.00 20.76
CA LYS B 201 8.51 -14.20 21.49
C LYS B 201 9.93 -13.98 21.98
N GLY B 202 10.04 -13.58 23.25
CA GLY B 202 11.31 -13.44 23.92
C GLY B 202 12.13 -12.22 23.58
N GLY B 203 11.52 -11.19 22.98
CA GLY B 203 12.31 -10.02 22.61
C GLY B 203 12.70 -9.20 23.83
N LYS B 204 13.92 -8.67 23.80
CA LYS B 204 14.46 -7.87 24.90
C LYS B 204 14.48 -6.37 24.61
N GLY B 205 14.00 -5.94 23.46
CA GLY B 205 13.96 -4.53 23.13
C GLY B 205 14.17 -4.30 21.65
N THR B 206 14.36 -3.03 21.30
CA THR B 206 14.55 -2.64 19.92
C THR B 206 15.26 -1.30 19.86
N ALA B 207 16.09 -1.13 18.82
CA ALA B 207 16.73 0.14 18.54
C ALA B 207 16.26 0.73 17.21
N ALA B 208 15.14 0.23 16.70
CA ALA B 208 14.63 0.68 15.41
C ALA B 208 14.14 2.12 15.49
N GLN B 209 14.24 2.83 14.37
CA GLN B 209 13.84 4.22 14.28
C GLN B 209 12.40 4.35 13.81
N GLY B 210 11.82 5.53 14.07
CA GLY B 210 10.48 5.82 13.62
C GLY B 210 10.43 6.19 12.15
N ILE B 211 10.82 7.43 11.84
CA ILE B 211 10.82 7.94 10.47
C ILE B 211 12.24 8.32 10.09
N TYR B 212 12.72 7.80 8.97
CA TYR B 212 14.03 8.13 8.43
C TYR B 212 13.82 8.79 7.08
N ILE B 213 14.16 10.07 6.97
CA ILE B 213 14.05 10.83 5.73
C ILE B 213 15.45 11.12 5.23
N ASN B 214 15.71 10.79 3.97
CA ASN B 214 17.02 11.02 3.38
C ASN B 214 16.89 11.48 1.94
N SER B 215 17.94 12.14 1.46
CA SER B 215 18.14 12.45 0.05
C SER B 215 19.56 12.02 -0.30
N THR B 216 19.68 10.87 -0.98
CA THR B 216 21.02 10.34 -1.29
C THR B 216 21.76 11.24 -2.27
N SER B 217 21.05 11.77 -3.28
CA SER B 217 21.67 12.71 -4.20
C SER B 217 21.64 14.14 -3.69
N GLY B 218 20.76 14.46 -2.75
CA GLY B 218 20.70 15.80 -2.19
C GLY B 218 19.58 16.62 -2.80
N THR B 219 18.72 17.20 -1.95
CA THR B 219 17.60 18.01 -2.41
C THR B 219 17.67 19.41 -1.81
N ALA B 220 17.13 20.38 -2.56
CA ALA B 220 16.99 21.74 -2.08
C ALA B 220 15.70 21.98 -1.31
N GLY B 221 14.78 21.02 -1.30
CA GLY B 221 13.49 21.24 -0.67
C GLY B 221 13.51 21.01 0.83
N LYS B 222 12.43 21.41 1.49
CA LYS B 222 12.28 21.16 2.91
C LYS B 222 12.12 19.66 3.17
N MET B 223 12.83 19.17 4.18
CA MET B 223 12.76 17.75 4.50
C MET B 223 11.44 17.41 5.19
N LEU B 224 10.98 18.27 6.08
CA LEU B 224 9.70 18.11 6.76
C LEU B 224 8.99 19.44 6.71
N ARG B 225 7.74 19.43 6.27
CA ARG B 225 7.00 20.69 6.11
C ARG B 225 5.57 20.46 6.59
N ILE B 226 5.17 21.25 7.58
CA ILE B 226 3.91 21.09 8.27
C ILE B 226 3.05 22.33 8.03
N ARG B 227 1.80 22.11 7.63
CA ARG B 227 0.87 23.18 7.32
C ARG B 227 -0.47 22.92 7.96
N ASN B 228 -1.18 24.02 8.25
CA ASN B 228 -2.53 23.97 8.77
C ASN B 228 -3.31 25.09 8.09
N LYS B 229 -4.32 24.73 7.32
CA LYS B 229 -5.09 25.71 6.57
C LYS B 229 -4.24 26.22 5.41
N ASN B 230 -3.43 25.34 4.84
CA ASN B 230 -2.57 25.69 3.71
C ASN B 230 -1.50 26.74 4.02
N GLU B 231 -1.13 26.87 5.30
CA GLU B 231 -0.11 27.83 5.68
C GLU B 231 0.94 27.18 6.56
N ASP B 232 2.21 27.49 6.26
CA ASP B 232 3.34 26.88 6.93
C ASP B 232 3.34 27.19 8.41
N LYS B 233 3.40 26.14 9.23
CA LYS B 233 3.44 26.27 10.68
C LYS B 233 4.77 25.83 11.27
N PHE B 234 5.39 24.82 10.68
CA PHE B 234 6.63 24.24 11.17
C PHE B 234 7.31 23.55 9.99
N TYR B 235 8.62 23.73 9.87
CA TYR B 235 9.35 23.02 8.83
C TYR B 235 10.79 22.81 9.24
N VAL B 236 11.39 21.77 8.69
CA VAL B 236 12.83 21.52 8.78
C VAL B 236 13.40 21.69 7.37
N GLY B 237 14.38 22.58 7.22
CA GLY B 237 14.92 22.87 5.92
C GLY B 237 15.95 21.84 5.49
N PRO B 238 16.46 22.02 4.27
CA PRO B 238 17.45 21.07 3.75
C PRO B 238 18.76 21.08 4.52
N ASP B 239 19.07 22.16 5.23
CA ASP B 239 20.28 22.26 6.04
C ASP B 239 20.07 21.78 7.47
N GLY B 240 18.87 21.36 7.83
CA GLY B 240 18.56 20.92 9.17
C GLY B 240 18.08 21.99 10.12
N GLY B 241 18.07 23.26 9.70
CA GLY B 241 17.45 24.28 10.50
C GLY B 241 15.94 24.15 10.50
N PHE B 242 15.34 24.49 11.64
CA PHE B 242 13.89 24.41 11.79
C PHE B 242 13.29 25.79 12.03
N HIS B 243 12.03 25.94 11.62
CA HIS B 243 11.22 27.11 11.91
C HIS B 243 9.93 26.68 12.61
N SER B 244 9.73 27.14 13.84
CA SER B 244 8.49 26.92 14.56
C SER B 244 7.66 28.20 14.53
N GLY B 245 6.37 28.04 14.26
CA GLY B 245 5.48 29.16 14.06
C GLY B 245 4.78 29.71 15.29
N ALA B 246 5.15 29.26 16.49
CA ALA B 246 4.43 29.68 17.69
C ALA B 246 5.27 29.35 18.91
N ASN B 247 4.78 29.82 20.07
CA ASN B 247 5.42 29.55 21.35
C ASN B 247 5.78 28.07 21.49
N SER B 248 6.97 27.81 22.02
CA SER B 248 7.51 26.47 22.08
C SER B 248 8.22 26.30 23.42
N THR B 249 8.47 25.04 23.78
CA THR B 249 9.04 24.71 25.08
C THR B 249 10.03 23.56 24.93
N VAL B 250 11.16 23.67 25.61
CA VAL B 250 12.08 22.56 25.80
C VAL B 250 12.13 22.23 27.28
N ALA B 251 11.69 21.03 27.65
CA ALA B 251 11.75 20.56 29.03
C ALA B 251 13.17 20.09 29.31
N GLY B 252 14.06 21.07 29.42
CA GLY B 252 15.49 20.81 29.46
C GLY B 252 16.24 22.04 29.01
N ASN B 253 17.56 21.91 29.00
CA ASN B 253 18.41 22.97 28.48
C ASN B 253 18.48 22.90 26.97
N LEU B 254 18.67 24.07 26.35
CA LEU B 254 18.88 24.17 24.91
C LEU B 254 20.27 24.77 24.67
N THR B 255 21.11 24.02 23.96
CA THR B 255 22.43 24.50 23.59
C THR B 255 22.36 25.24 22.26
N VAL B 256 22.94 26.44 22.22
CA VAL B 256 22.94 27.29 21.04
C VAL B 256 24.30 27.95 20.89
N LYS B 257 24.53 28.52 19.72
CA LYS B 257 25.69 29.38 19.51
C LYS B 257 25.50 30.72 20.24
N ASP B 258 26.62 31.35 20.55
CA ASP B 258 26.57 32.70 21.12
C ASP B 258 25.88 33.65 20.13
N PRO B 259 25.08 34.59 20.62
CA PRO B 259 24.31 35.44 19.71
C PRO B 259 25.18 36.47 18.98
N THR B 260 24.83 36.71 17.71
CA THR B 260 25.43 37.80 16.94
C THR B 260 24.36 38.70 16.33
N SER B 261 23.11 38.57 16.76
CA SER B 261 22.03 39.41 16.25
C SER B 261 21.03 39.62 17.38
N GLY B 262 20.21 40.66 17.22
CA GLY B 262 19.38 41.13 18.33
C GLY B 262 18.45 40.07 18.88
N LYS B 263 17.84 39.28 18.01
CA LYS B 263 16.85 38.29 18.44
C LYS B 263 17.41 36.88 18.57
N HIS B 264 18.72 36.70 18.39
CA HIS B 264 19.32 35.42 18.71
C HIS B 264 19.22 35.15 20.21
N ALA B 265 18.88 33.90 20.56
CA ALA B 265 18.90 33.50 21.96
C ALA B 265 20.28 33.74 22.55
N ALA B 266 20.31 34.30 23.75
CA ALA B 266 21.55 34.59 24.44
C ALA B 266 22.05 33.36 25.20
N THR B 267 23.35 33.12 25.14
CA THR B 267 23.97 32.05 25.90
C THR B 267 24.28 32.49 27.32
N LYS B 268 24.52 31.50 28.18
CA LYS B 268 25.04 31.78 29.51
C LYS B 268 26.36 32.51 29.45
N ASP B 269 27.27 32.08 28.55
CA ASP B 269 28.53 32.76 28.36
C ASP B 269 28.32 34.23 28.01
N TYR B 270 27.42 34.51 27.06
CA TYR B 270 27.20 35.89 26.64
C TYR B 270 26.70 36.74 27.80
N VAL B 271 25.74 36.22 28.57
CA VAL B 271 25.23 36.95 29.74
C VAL B 271 26.38 37.24 30.71
N ASP B 272 27.18 36.23 31.02
CA ASP B 272 28.25 36.40 32.00
C ASP B 272 29.33 37.35 31.50
N GLU B 273 29.64 37.30 30.20
CA GLU B 273 30.66 38.19 29.64
C GLU B 273 30.22 39.64 29.72
N LYS B 274 28.96 39.92 29.40
CA LYS B 274 28.46 41.29 29.44
C LYS B 274 28.36 41.81 30.86
N ILE B 275 27.97 40.94 31.81
CA ILE B 275 27.92 41.34 33.21
C ILE B 275 29.32 41.68 33.72
N ALA B 276 30.28 40.80 33.45
CA ALA B 276 31.67 41.05 33.85
C ALA B 276 32.23 42.29 33.18
N GLU B 277 31.87 42.50 31.91
CA GLU B 277 32.37 43.67 31.18
C GLU B 277 31.91 44.97 31.83
N LEU B 278 30.63 45.03 32.22
CA LEU B 278 30.13 46.23 32.87
C LEU B 278 30.73 46.39 34.27
N LYS B 279 30.87 45.29 35.01
CA LYS B 279 31.47 45.34 36.34
C LYS B 279 32.87 45.94 36.31
N LYS B 280 33.68 45.52 35.38
CA LYS B 280 35.01 46.02 35.29
C LYS B 280 34.99 47.51 35.04
N LEU B 281 34.28 47.91 34.00
CA LEU B 281 34.18 49.30 33.65
C LEU B 281 33.69 50.17 34.78
N ILE B 282 32.69 49.72 35.50
CA ILE B 282 32.15 50.52 36.60
C ILE B 282 33.17 50.63 37.73
N LEU B 283 33.81 49.52 38.09
CA LEU B 283 34.78 49.55 39.18
C LEU B 283 35.98 50.44 38.89
N LYS B 284 36.39 50.57 37.62
CA LYS B 284 37.51 51.45 37.30
C LYS B 284 37.07 52.92 37.33
N LYS B 285 35.87 53.22 36.90
CA LYS B 285 35.31 54.56 37.06
C LYS B 285 35.25 54.94 38.53
N LEU B 286 34.81 54.01 39.37
CA LEU B 286 34.74 54.27 40.81
C LEU B 286 36.12 54.39 41.43
N GLU B 287 37.09 53.64 40.91
CA GLU B 287 38.44 53.64 41.48
C GLU B 287 39.18 54.94 41.20
N HIS B 288 38.78 55.69 40.17
CA HIS B 288 39.54 56.88 39.75
C HIS B 288 38.78 58.19 39.81
N HIS B 289 37.52 58.20 40.21
CA HIS B 289 36.76 59.44 40.22
C HIS B 289 37.18 60.34 41.39
N HIS B 290 36.96 61.63 41.22
CA HIS B 290 37.30 62.61 42.25
C HIS B 290 36.28 63.74 42.30
N HIS B 291 36.07 64.29 43.50
CA HIS B 291 35.12 65.38 43.67
C HIS B 291 35.29 66.02 45.05
N ASN C 21 -36.45 -59.92 -52.59
CA ASN C 21 -36.91 -58.96 -53.56
C ASN C 21 -35.99 -57.72 -53.67
N SER C 22 -36.62 -56.56 -53.68
CA SER C 22 -35.92 -55.29 -53.70
C SER C 22 -35.80 -54.77 -52.29
N LYS C 23 -36.30 -55.53 -51.31
CA LYS C 23 -36.26 -55.20 -49.88
C LYS C 23 -34.85 -54.83 -49.46
N ILE C 24 -33.87 -55.61 -49.90
CA ILE C 24 -32.48 -55.36 -49.69
C ILE C 24 -32.08 -53.95 -50.10
N THR C 25 -32.49 -53.51 -51.27
CA THR C 25 -32.06 -52.18 -51.71
C THR C 25 -32.39 -51.11 -50.69
N LYS C 26 -33.63 -51.15 -50.21
CA LYS C 26 -34.13 -50.23 -49.21
C LYS C 26 -33.26 -50.35 -47.97
N LEU C 27 -32.95 -51.59 -47.55
CA LEU C 27 -32.11 -51.73 -46.38
C LEU C 27 -30.69 -51.28 -46.66
N GLU C 28 -30.23 -51.44 -47.89
CA GLU C 28 -28.94 -50.88 -48.25
C GLU C 28 -28.97 -49.36 -48.20
N SER C 29 -30.15 -48.77 -48.40
CA SER C 29 -30.29 -47.32 -48.36
C SER C 29 -30.55 -46.81 -46.95
N SER C 30 -31.61 -47.28 -46.31
CA SER C 30 -32.13 -46.71 -45.08
C SER C 30 -31.39 -47.17 -43.82
N LYS C 31 -30.38 -48.02 -43.93
CA LYS C 31 -29.73 -48.60 -42.77
C LYS C 31 -28.32 -48.07 -42.60
N ALA C 32 -27.87 -47.99 -41.35
CA ALA C 32 -26.59 -47.35 -41.03
C ALA C 32 -25.39 -48.27 -41.25
N ASP C 33 -24.37 -47.73 -41.93
CA ASP C 33 -23.10 -48.44 -42.03
C ASP C 33 -22.32 -48.28 -40.74
N LYS C 34 -21.73 -49.37 -40.27
CA LYS C 34 -20.87 -49.29 -39.10
C LYS C 34 -19.73 -48.31 -39.32
N SER C 35 -19.14 -48.30 -40.52
CA SER C 35 -17.99 -47.45 -40.80
C SER C 35 -18.31 -45.97 -40.62
N ALA C 36 -19.54 -45.55 -40.91
CA ALA C 36 -19.89 -44.14 -40.92
C ALA C 36 -20.59 -43.68 -39.66
N VAL C 37 -20.55 -44.47 -38.59
CA VAL C 37 -21.25 -44.12 -37.35
C VAL C 37 -20.42 -44.61 -36.17
N TYR C 38 -20.38 -43.76 -35.16
CA TYR C 38 -19.64 -44.05 -33.96
C TYR C 38 -20.44 -45.03 -33.20
N SER C 39 -19.74 -45.97 -32.60
CA SER C 39 -20.35 -46.94 -31.75
C SER C 39 -20.49 -46.33 -30.36
N LYS C 40 -21.26 -47.01 -29.52
CA LYS C 40 -21.49 -46.55 -28.16
C LYS C 40 -20.18 -46.31 -27.41
N ALA C 41 -19.26 -47.26 -27.54
CA ALA C 41 -17.97 -47.16 -26.89
C ALA C 41 -17.16 -46.06 -27.49
N GLU C 42 -17.19 -45.93 -28.80
CA GLU C 42 -16.44 -44.89 -29.42
C GLU C 42 -16.95 -43.53 -28.99
N SER C 43 -18.26 -43.36 -28.86
CA SER C 43 -18.87 -42.17 -28.38
C SER C 43 -18.40 -41.86 -26.97
N LYS C 44 -18.28 -42.85 -26.11
CA LYS C 44 -17.81 -42.60 -24.77
C LYS C 44 -16.38 -42.07 -24.79
N ILE C 45 -15.55 -42.62 -25.65
CA ILE C 45 -14.21 -42.17 -25.79
C ILE C 45 -14.19 -40.69 -26.16
N GLU C 46 -14.98 -40.29 -27.14
CA GLU C 46 -14.99 -38.92 -27.63
C GLU C 46 -15.56 -37.96 -26.58
N LEU C 47 -16.67 -38.35 -25.95
CA LEU C 47 -17.29 -37.48 -24.95
C LEU C 47 -16.38 -37.26 -23.74
N ASP C 48 -15.60 -38.29 -23.35
CA ASP C 48 -14.71 -38.14 -22.21
C ASP C 48 -13.63 -37.09 -22.42
N LYS C 49 -13.33 -36.74 -23.68
CA LYS C 49 -12.36 -35.71 -23.96
C LYS C 49 -12.93 -34.31 -23.85
N LYS C 50 -14.22 -34.19 -23.56
CA LYS C 50 -14.90 -32.91 -23.44
C LYS C 50 -15.23 -32.63 -21.98
N LEU C 51 -15.24 -31.34 -21.64
CA LEU C 51 -15.49 -30.94 -20.26
C LEU C 51 -16.97 -31.08 -19.91
N SER C 52 -17.25 -31.83 -18.85
CA SER C 52 -18.59 -31.91 -18.30
C SER C 52 -18.90 -30.67 -17.48
N LEU C 53 -20.14 -30.18 -17.59
CA LEU C 53 -20.57 -29.04 -16.77
C LEU C 53 -20.45 -29.32 -15.28
N THR C 54 -20.50 -30.59 -14.89
CA THR C 54 -20.34 -30.96 -13.48
C THR C 54 -18.90 -30.87 -13.00
N GLY C 55 -17.94 -30.62 -13.88
CA GLY C 55 -16.56 -30.49 -13.47
C GLY C 55 -15.59 -31.37 -14.22
N GLY C 56 -14.31 -31.05 -14.16
CA GLY C 56 -13.31 -31.86 -14.83
C GLY C 56 -11.93 -31.27 -14.66
N ILE C 57 -10.97 -31.86 -15.35
CA ILE C 57 -9.56 -31.47 -15.28
C ILE C 57 -9.12 -31.03 -16.67
N VAL C 58 -8.77 -29.76 -16.81
CA VAL C 58 -8.23 -29.22 -18.05
C VAL C 58 -6.71 -29.28 -18.00
N THR C 59 -6.09 -29.86 -19.02
CA THR C 59 -4.65 -30.02 -19.07
C THR C 59 -3.99 -29.10 -20.09
N GLY C 60 -4.76 -28.34 -20.86
CA GLY C 60 -4.20 -27.39 -21.79
C GLY C 60 -4.60 -25.96 -21.48
N GLN C 61 -4.34 -25.04 -22.42
CA GLN C 61 -4.72 -23.65 -22.23
C GLN C 61 -6.18 -23.44 -22.58
N LEU C 62 -6.91 -22.76 -21.68
CA LEU C 62 -8.27 -22.32 -21.94
C LEU C 62 -8.22 -20.85 -22.30
N GLN C 63 -8.53 -20.53 -23.56
CA GLN C 63 -8.49 -19.16 -24.04
C GLN C 63 -9.91 -18.58 -24.08
N PHE C 64 -10.04 -17.34 -23.62
CA PHE C 64 -11.28 -16.60 -23.73
C PHE C 64 -11.08 -15.47 -24.74
N LYS C 65 -11.89 -15.48 -25.80
CA LYS C 65 -11.83 -14.46 -26.85
C LYS C 65 -13.26 -14.02 -27.18
N PRO C 66 -13.89 -13.31 -26.26
CA PRO C 66 -15.26 -12.82 -26.54
C PRO C 66 -15.23 -11.74 -27.60
N ASN C 67 -16.25 -11.75 -28.46
CA ASN C 67 -16.30 -10.80 -29.57
C ASN C 67 -17.75 -10.71 -30.02
N LYS C 68 -18.38 -9.56 -29.80
CA LYS C 68 -19.84 -9.43 -29.75
C LYS C 68 -20.47 -10.64 -29.07
N SER C 69 -20.17 -10.78 -27.79
CA SER C 69 -20.72 -11.88 -27.01
C SER C 69 -21.61 -11.42 -25.86
N GLY C 70 -21.85 -10.13 -25.71
CA GLY C 70 -22.67 -9.63 -24.63
C GLY C 70 -22.02 -9.63 -23.26
N ILE C 71 -20.68 -9.55 -23.21
CA ILE C 71 -19.99 -9.50 -21.93
C ILE C 71 -20.25 -8.15 -21.26
N LYS C 72 -20.47 -8.18 -19.95
CA LYS C 72 -20.90 -7.01 -19.20
C LYS C 72 -19.85 -6.60 -18.16
N PRO C 73 -19.87 -5.34 -17.73
CA PRO C 73 -18.97 -4.90 -16.66
C PRO C 73 -19.50 -5.16 -15.26
N SER C 74 -20.75 -5.59 -15.13
CA SER C 74 -21.42 -5.76 -13.84
C SER C 74 -20.54 -6.50 -12.84
N SER C 75 -20.36 -5.90 -11.66
CA SER C 75 -19.60 -6.52 -10.59
C SER C 75 -20.33 -7.68 -9.93
N SER C 76 -21.55 -8.01 -10.35
CA SER C 76 -22.26 -9.19 -9.87
C SER C 76 -22.41 -10.27 -10.93
N VAL C 77 -22.84 -9.90 -12.14
CA VAL C 77 -23.17 -10.87 -13.18
C VAL C 77 -22.30 -10.72 -14.43
N GLY C 78 -21.32 -9.82 -14.42
CA GLY C 78 -20.52 -9.54 -15.59
C GLY C 78 -19.32 -10.46 -15.71
N GLY C 79 -18.50 -10.17 -16.71
CA GLY C 79 -17.23 -10.85 -16.90
C GLY C 79 -17.32 -11.96 -17.92
N ALA C 80 -16.20 -12.17 -18.64
CA ALA C 80 -16.08 -13.35 -19.48
C ALA C 80 -16.13 -14.63 -18.64
N ILE C 81 -15.51 -14.59 -17.46
CA ILE C 81 -15.70 -15.59 -16.42
C ILE C 81 -16.47 -14.93 -15.29
N ASN C 82 -17.54 -15.57 -14.83
CA ASN C 82 -18.27 -15.12 -13.65
C ASN C 82 -18.36 -16.26 -12.66
N ILE C 83 -17.92 -16.01 -11.43
CA ILE C 83 -18.01 -16.97 -10.34
C ILE C 83 -18.90 -16.39 -9.26
N ASP C 84 -20.03 -17.03 -9.01
CA ASP C 84 -20.97 -16.62 -7.97
C ASP C 84 -20.91 -17.65 -6.85
N MET C 85 -20.40 -17.24 -5.69
CA MET C 85 -20.25 -18.10 -4.53
C MET C 85 -21.35 -17.91 -3.49
N SER C 86 -22.45 -17.24 -3.86
CA SER C 86 -23.48 -16.91 -2.88
C SER C 86 -24.05 -18.16 -2.22
N LYS C 87 -24.15 -19.26 -2.95
CA LYS C 87 -24.83 -20.46 -2.47
C LYS C 87 -23.86 -21.59 -2.18
N SER C 88 -22.60 -21.26 -2.00
CA SER C 88 -21.64 -22.31 -1.85
C SER C 88 -20.48 -21.98 -0.97
N GLU C 89 -19.88 -23.00 -0.43
CA GLU C 89 -18.74 -22.83 0.41
C GLU C 89 -17.49 -22.77 -0.43
N GLY C 90 -16.40 -22.38 0.20
CA GLY C 90 -15.11 -22.34 -0.44
C GLY C 90 -14.71 -21.11 -1.20
N ALA C 91 -13.52 -21.15 -1.76
CA ALA C 91 -13.02 -20.02 -2.54
C ALA C 91 -13.65 -20.02 -3.92
N ALA C 92 -13.71 -18.83 -4.52
CA ALA C 92 -14.11 -18.74 -5.92
C ALA C 92 -13.03 -19.31 -6.84
N MET C 93 -11.78 -18.93 -6.61
CA MET C 93 -10.68 -19.47 -7.39
C MET C 93 -9.42 -19.53 -6.52
N VAL C 94 -8.64 -20.59 -6.73
CA VAL C 94 -7.37 -20.79 -6.03
C VAL C 94 -6.28 -20.98 -7.09
N MET C 95 -5.22 -20.21 -6.99
CA MET C 95 -4.05 -20.35 -7.85
C MET C 95 -2.89 -20.80 -6.98
N TYR C 96 -2.40 -22.00 -7.23
CA TYR C 96 -1.43 -22.67 -6.38
C TYR C 96 -0.23 -23.12 -7.17
N THR C 97 0.95 -23.04 -6.57
CA THR C 97 2.14 -23.64 -7.15
C THR C 97 3.08 -24.13 -6.05
N ASN C 98 3.61 -25.33 -6.24
CA ASN C 98 4.69 -25.87 -5.42
C ASN C 98 5.96 -26.02 -6.24
N LYS C 99 6.06 -25.32 -7.36
CA LYS C 99 7.23 -25.41 -8.22
C LYS C 99 8.41 -24.71 -7.57
N ASP C 100 9.60 -25.28 -7.75
CA ASP C 100 10.80 -24.69 -7.17
C ASP C 100 11.11 -23.34 -7.81
N THR C 101 11.04 -23.26 -9.14
CA THR C 101 11.29 -22.05 -9.90
C THR C 101 10.41 -22.11 -11.15
N THR C 102 10.22 -20.96 -11.78
CA THR C 102 9.42 -20.90 -13.00
C THR C 102 9.78 -19.62 -13.75
N ASP C 103 9.14 -19.43 -14.91
CA ASP C 103 9.50 -18.38 -15.85
C ASP C 103 8.54 -17.20 -15.85
N GLY C 104 7.46 -17.24 -15.07
CA GLY C 104 6.58 -16.10 -14.98
C GLY C 104 5.71 -16.09 -13.73
N PRO C 105 5.10 -14.93 -13.45
CA PRO C 105 4.26 -14.81 -12.26
C PRO C 105 3.01 -15.66 -12.36
N LEU C 106 2.42 -15.95 -11.20
CA LEU C 106 1.20 -16.75 -11.15
C LEU C 106 0.06 -16.06 -11.90
N MET C 107 -0.23 -14.81 -11.56
CA MET C 107 -1.34 -14.07 -12.15
C MET C 107 -0.82 -12.77 -12.74
N ILE C 108 -1.26 -12.47 -13.97
CA ILE C 108 -0.87 -11.25 -14.67
C ILE C 108 -2.14 -10.53 -15.14
N LEU C 109 -2.22 -9.24 -14.83
CA LEU C 109 -3.20 -8.34 -15.44
C LEU C 109 -2.45 -7.26 -16.19
N ARG C 110 -2.78 -7.08 -17.46
CA ARG C 110 -2.07 -6.13 -18.30
C ARG C 110 -3.03 -5.37 -19.20
N SER C 111 -2.88 -4.05 -19.26
CA SER C 111 -3.55 -3.17 -20.21
C SER C 111 -2.50 -2.30 -20.87
N ASP C 112 -2.58 -2.15 -22.20
CA ASP C 112 -1.50 -1.54 -22.96
C ASP C 112 -1.72 -0.09 -23.35
N LYS C 113 -2.97 0.37 -23.47
CA LYS C 113 -3.23 1.72 -23.96
C LYS C 113 -3.28 2.69 -22.79
N ASP C 114 -2.57 3.81 -22.93
CA ASP C 114 -2.57 4.83 -21.89
C ASP C 114 -3.90 5.56 -21.77
N THR C 115 -4.79 5.42 -22.76
CA THR C 115 -6.14 5.98 -22.68
C THR C 115 -7.11 5.06 -21.96
N PHE C 116 -6.68 3.85 -21.59
CA PHE C 116 -7.56 2.91 -20.91
C PHE C 116 -8.12 3.54 -19.63
N ASP C 117 -9.44 3.50 -19.50
CA ASP C 117 -10.14 4.32 -18.51
C ASP C 117 -10.83 3.47 -17.44
N GLN C 118 -10.37 2.24 -17.23
CA GLN C 118 -10.84 1.41 -16.14
C GLN C 118 -9.64 0.83 -15.42
N SER C 119 -9.89 0.31 -14.22
CA SER C 119 -8.83 -0.31 -13.44
C SER C 119 -8.49 -1.69 -13.98
N ALA C 120 -7.27 -2.13 -13.69
CA ALA C 120 -6.94 -3.54 -13.90
C ALA C 120 -7.65 -4.43 -12.90
N GLN C 121 -7.73 -3.98 -11.64
CA GLN C 121 -8.38 -4.73 -10.58
C GLN C 121 -9.20 -3.79 -9.72
N PHE C 122 -10.42 -4.21 -9.40
CA PHE C 122 -11.33 -3.45 -8.55
C PHE C 122 -11.85 -4.37 -7.45
N VAL C 123 -11.61 -3.99 -6.20
CA VAL C 123 -12.09 -4.75 -5.06
C VAL C 123 -13.17 -3.95 -4.36
N ASP C 124 -14.39 -4.49 -4.35
CA ASP C 124 -15.57 -3.85 -3.76
C ASP C 124 -16.00 -4.72 -2.59
N TYR C 125 -15.49 -4.40 -1.40
CA TYR C 125 -15.55 -5.30 -0.26
C TYR C 125 -16.47 -4.77 0.83
N SER C 126 -17.44 -5.60 1.22
CA SER C 126 -18.15 -5.47 2.48
C SER C 126 -17.86 -6.70 3.32
N GLY C 127 -17.66 -6.51 4.62
CA GLY C 127 -17.35 -7.63 5.49
C GLY C 127 -16.70 -7.17 6.78
N LYS C 128 -16.27 -8.15 7.57
CA LYS C 128 -15.76 -7.93 8.92
C LYS C 128 -14.26 -8.14 9.05
N THR C 129 -13.56 -8.54 7.99
CA THR C 129 -12.13 -8.72 8.06
C THR C 129 -11.44 -7.97 6.92
N ASN C 130 -10.12 -8.13 6.79
CA ASN C 130 -9.35 -7.35 5.83
C ASN C 130 -9.77 -7.71 4.41
N ALA C 131 -10.02 -6.68 3.59
CA ALA C 131 -10.48 -6.90 2.23
C ALA C 131 -9.43 -7.63 1.41
N VAL C 132 -8.18 -7.22 1.51
CA VAL C 132 -7.07 -7.86 0.80
C VAL C 132 -5.95 -8.12 1.79
N ASN C 133 -5.40 -9.34 1.74
CA ASN C 133 -4.38 -9.81 2.68
C ASN C 133 -3.18 -10.31 1.89
N ILE C 134 -2.03 -9.68 2.10
CA ILE C 134 -0.78 -10.06 1.45
C ILE C 134 0.21 -10.48 2.53
N VAL C 135 0.64 -11.74 2.48
CA VAL C 135 1.54 -12.30 3.48
C VAL C 135 2.79 -12.80 2.77
N MET C 136 3.96 -12.31 3.21
CA MET C 136 5.25 -12.85 2.82
C MET C 136 5.75 -13.75 3.95
N ARG C 137 5.81 -15.05 3.69
CA ARG C 137 6.28 -15.98 4.71
C ARG C 137 7.77 -15.80 4.98
N GLN C 138 8.20 -16.32 6.12
CA GLN C 138 9.61 -16.24 6.51
C GLN C 138 10.46 -17.10 5.57
N PRO C 139 11.42 -16.52 4.85
CA PRO C 139 12.29 -17.32 3.99
C PRO C 139 13.39 -18.01 4.78
N SER C 140 13.92 -19.08 4.19
CA SER C 140 15.08 -19.75 4.76
C SER C 140 16.23 -18.77 4.99
N ALA C 141 16.45 -17.86 4.05
CA ALA C 141 17.49 -16.85 4.16
C ALA C 141 16.90 -15.49 3.81
N PRO C 142 17.16 -14.45 4.60
CA PRO C 142 16.68 -13.11 4.27
C PRO C 142 17.10 -12.68 2.88
N ASN C 143 16.21 -11.97 2.20
CA ASN C 143 16.48 -11.48 0.87
C ASN C 143 15.82 -10.12 0.67
N PHE C 144 16.06 -9.48 -0.46
CA PHE C 144 15.51 -8.13 -0.69
C PHE C 144 14.07 -7.95 -1.06
N SER C 145 13.34 -9.03 -1.16
CA SER C 145 11.97 -8.96 -1.56
C SER C 145 11.01 -8.22 -0.59
N SER C 146 9.90 -7.83 -1.15
CA SER C 146 8.85 -7.12 -0.49
C SER C 146 7.55 -7.84 -0.70
N ALA C 147 6.64 -7.68 0.24
CA ALA C 147 5.29 -8.22 0.06
C ALA C 147 4.55 -7.50 -1.05
N LEU C 148 4.68 -6.17 -1.13
CA LEU C 148 4.01 -5.37 -2.13
C LEU C 148 4.98 -4.31 -2.65
N ASN C 149 5.11 -4.24 -3.97
CA ASN C 149 6.05 -3.32 -4.63
C ASN C 149 5.28 -2.48 -5.63
N ILE C 150 5.42 -1.15 -5.50
CA ILE C 150 4.67 -0.19 -6.30
C ILE C 150 5.66 0.70 -7.03
N THR C 151 5.46 0.85 -8.35
CA THR C 151 6.22 1.82 -9.11
C THR C 151 5.30 2.52 -10.10
N SER C 152 5.46 3.83 -10.22
CA SER C 152 4.74 4.62 -11.21
C SER C 152 5.71 5.48 -11.99
N ALA C 153 5.49 5.58 -13.30
CA ALA C 153 6.22 6.50 -14.16
C ALA C 153 5.34 7.66 -14.62
N ASN C 154 4.19 7.85 -13.98
CA ASN C 154 3.29 8.96 -14.27
C ASN C 154 3.59 10.11 -13.32
N GLU C 155 4.17 11.19 -13.85
CA GLU C 155 4.49 12.34 -13.02
C GLU C 155 3.26 13.16 -12.64
N GLY C 156 2.11 12.92 -13.27
CA GLY C 156 0.93 13.69 -13.00
C GLY C 156 0.09 13.22 -11.83
N GLY C 157 0.45 12.11 -11.19
CA GLY C 157 -0.37 11.56 -10.13
C GLY C 157 0.46 10.84 -9.09
N SER C 158 -0.08 10.79 -7.88
CA SER C 158 0.54 10.01 -6.81
C SER C 158 0.63 8.55 -7.20
N ALA C 159 1.77 7.92 -6.90
CA ALA C 159 1.89 6.48 -7.14
C ALA C 159 0.85 5.69 -6.35
N MET C 160 0.51 6.17 -5.15
CA MET C 160 -0.46 5.50 -4.29
C MET C 160 -1.23 6.53 -3.49
N GLN C 161 -2.51 6.24 -3.26
CA GLN C 161 -3.37 7.06 -2.41
C GLN C 161 -4.07 6.17 -1.39
N ILE C 162 -4.24 6.71 -0.18
CA ILE C 162 -4.99 6.05 0.88
C ILE C 162 -5.94 7.08 1.48
N ARG C 163 -7.21 6.72 1.63
CA ARG C 163 -8.18 7.53 2.35
C ARG C 163 -8.94 6.68 3.35
N GLY C 164 -9.10 7.22 4.56
CA GLY C 164 -9.81 6.53 5.61
C GLY C 164 -10.58 7.51 6.48
N VAL C 165 -11.43 6.95 7.34
CA VAL C 165 -12.29 7.76 8.20
C VAL C 165 -12.21 7.27 9.64
N GLU C 166 -11.00 6.99 10.12
CA GLU C 166 -10.83 6.37 11.42
C GLU C 166 -11.25 7.30 12.55
N LYS C 167 -11.93 6.72 13.55
CA LYS C 167 -12.26 7.46 14.77
C LYS C 167 -11.05 7.65 15.66
N ALA C 168 -10.29 6.58 15.89
CA ALA C 168 -9.23 6.60 16.91
C ALA C 168 -8.02 5.78 16.47
N LEU C 169 -7.77 5.70 15.17
CA LEU C 169 -6.63 4.95 14.65
C LEU C 169 -6.01 5.73 13.50
N GLY C 170 -4.86 5.25 13.04
CA GLY C 170 -4.21 5.84 11.89
C GLY C 170 -4.84 5.35 10.59
N THR C 171 -4.97 6.26 9.62
CA THR C 171 -5.40 5.84 8.29
C THR C 171 -4.42 4.81 7.71
N LEU C 172 -3.13 5.04 7.90
CA LEU C 172 -2.10 4.04 7.64
C LEU C 172 -1.43 3.69 8.96
N LYS C 173 -1.38 2.40 9.28
CA LYS C 173 -0.73 1.92 10.48
C LYS C 173 0.51 1.14 10.09
N ILE C 174 1.67 1.59 10.55
CA ILE C 174 2.95 0.94 10.29
C ILE C 174 3.48 0.38 11.60
N THR C 175 3.78 -0.92 11.61
CA THR C 175 4.41 -1.57 12.74
C THR C 175 5.71 -2.22 12.28
N HIS C 176 6.83 -1.84 12.92
CA HIS C 176 8.08 -2.56 12.76
C HIS C 176 8.34 -3.40 14.00
N GLU C 177 8.57 -4.69 13.82
CA GLU C 177 8.93 -5.60 14.89
C GLU C 177 10.37 -6.05 14.71
N ASN C 178 11.16 -5.99 15.78
CA ASN C 178 12.52 -6.48 15.74
C ASN C 178 12.52 -7.96 15.34
N PRO C 179 13.22 -8.34 14.27
CA PRO C 179 13.26 -9.77 13.91
C PRO C 179 14.07 -10.61 14.89
N ASN C 180 14.81 -9.99 15.81
CA ASN C 180 15.72 -10.70 16.68
C ASN C 180 15.40 -10.38 18.14
N VAL C 181 15.80 -11.30 19.03
CA VAL C 181 15.62 -11.07 20.46
C VAL C 181 16.54 -9.99 20.98
N GLU C 182 17.71 -9.82 20.37
CA GLU C 182 18.67 -8.84 20.86
C GLU C 182 18.22 -7.42 20.52
N ALA C 183 18.34 -6.52 21.50
CA ALA C 183 17.70 -5.21 21.41
C ALA C 183 18.33 -4.35 20.31
N LYS C 184 19.64 -4.46 20.10
CA LYS C 184 20.33 -3.59 19.16
C LYS C 184 20.43 -4.16 17.75
N TYR C 185 19.83 -5.33 17.50
CA TYR C 185 19.96 -5.98 16.21
C TYR C 185 19.39 -5.12 15.09
N ASP C 186 18.26 -4.44 15.33
CA ASP C 186 17.56 -3.66 14.32
C ASP C 186 17.89 -2.16 14.40
N GLU C 187 19.09 -1.81 14.87
CA GLU C 187 19.43 -0.41 15.07
C GLU C 187 19.43 0.39 13.76
N ASN C 188 19.57 -0.26 12.61
CA ASN C 188 19.54 0.41 11.33
C ASN C 188 18.19 0.30 10.63
N ALA C 189 17.20 -0.30 11.27
CA ALA C 189 15.87 -0.40 10.70
C ALA C 189 15.04 0.84 11.02
N ALA C 190 13.95 1.00 10.28
CA ALA C 190 12.99 2.06 10.54
C ALA C 190 11.60 1.57 10.17
N ALA C 191 10.59 2.22 10.73
CA ALA C 191 9.23 1.93 10.32
C ALA C 191 8.92 2.56 8.95
N LEU C 192 9.39 3.79 8.74
CA LEU C 192 9.21 4.51 7.48
C LEU C 192 10.56 5.04 7.02
N SER C 193 10.95 4.67 5.80
CA SER C 193 12.19 5.15 5.21
C SER C 193 11.88 5.87 3.90
N ILE C 194 12.39 7.10 3.77
CA ILE C 194 12.13 7.95 2.62
C ILE C 194 13.45 8.32 1.97
N ASP C 195 13.51 8.19 0.64
CA ASP C 195 14.65 8.68 -0.13
C ASP C 195 14.15 9.62 -1.22
N ILE C 196 14.94 10.65 -1.51
CA ILE C 196 14.60 11.70 -2.45
C ILE C 196 15.77 11.82 -3.42
N VAL C 197 15.56 11.41 -4.67
CA VAL C 197 16.66 11.25 -5.62
C VAL C 197 16.36 12.02 -6.90
N LYS C 198 17.43 12.35 -7.61
CA LYS C 198 17.38 12.98 -8.92
C LYS C 198 17.00 11.95 -9.99
N LYS C 199 16.72 12.47 -11.19
CA LYS C 199 16.43 11.61 -12.33
C LYS C 199 17.62 10.72 -12.62
N GLN C 200 17.37 9.42 -12.72
CA GLN C 200 18.43 8.43 -12.95
C GLN C 200 19.31 8.76 -14.14
N LYS C 201 18.68 9.01 -15.28
CA LYS C 201 19.41 9.32 -16.50
C LYS C 201 19.57 10.84 -16.64
N GLY C 202 20.76 11.34 -16.30
CA GLY C 202 21.10 12.72 -16.57
C GLY C 202 20.51 13.76 -15.66
N GLY C 203 20.00 13.37 -14.49
CA GLY C 203 19.38 14.33 -13.60
C GLY C 203 20.42 15.26 -12.99
N LYS C 204 20.03 16.52 -12.83
CA LYS C 204 20.92 17.53 -12.26
C LYS C 204 20.59 17.86 -10.81
N GLY C 205 19.59 17.23 -10.22
CA GLY C 205 19.25 17.46 -8.84
C GLY C 205 17.75 17.33 -8.64
N THR C 206 17.32 17.74 -7.45
CA THR C 206 15.91 17.69 -7.10
C THR C 206 15.63 18.70 -6.00
N ALA C 207 14.43 19.27 -6.04
CA ALA C 207 13.93 20.14 -4.97
C ALA C 207 12.74 19.53 -4.26
N ALA C 208 12.53 18.23 -4.44
CA ALA C 208 11.39 17.56 -3.83
C ALA C 208 11.53 17.50 -2.32
N GLN C 209 10.39 17.51 -1.65
CA GLN C 209 10.33 17.52 -0.19
C GLN C 209 10.20 16.09 0.35
N GLY C 210 10.53 15.93 1.63
CA GLY C 210 10.39 14.65 2.29
C GLY C 210 8.97 14.34 2.69
N ILE C 211 8.51 14.95 3.79
CA ILE C 211 7.15 14.75 4.30
C ILE C 211 6.43 16.08 4.29
N TYR C 212 5.25 16.11 3.67
CA TYR C 212 4.39 17.28 3.61
C TYR C 212 3.09 16.95 4.35
N ILE C 213 2.86 17.63 5.47
CA ILE C 213 1.64 17.45 6.26
C ILE C 213 0.82 18.73 6.17
N ASN C 214 -0.46 18.58 5.82
CA ASN C 214 -1.35 19.73 5.72
C ASN C 214 -2.73 19.31 6.22
N SER C 215 -3.53 20.31 6.59
CA SER C 215 -4.96 20.14 6.84
C SER C 215 -5.67 21.23 6.06
N THR C 216 -6.26 20.86 4.92
CA THR C 216 -6.86 21.86 4.04
C THR C 216 -8.03 22.55 4.72
N SER C 217 -8.86 21.80 5.45
CA SER C 217 -9.95 22.41 6.20
C SER C 217 -9.53 22.93 7.56
N GLY C 218 -8.41 22.45 8.11
CA GLY C 218 -7.93 22.92 9.40
C GLY C 218 -8.28 21.99 10.53
N THR C 219 -7.27 21.59 11.31
CA THR C 219 -7.46 20.68 12.42
C THR C 219 -6.96 21.28 13.73
N ALA C 220 -7.61 20.87 14.82
CA ALA C 220 -7.20 21.25 16.18
C ALA C 220 -6.17 20.30 16.80
N GLY C 221 -5.87 19.18 16.14
CA GLY C 221 -4.99 18.18 16.72
C GLY C 221 -3.53 18.50 16.53
N LYS C 222 -2.68 17.71 17.18
CA LYS C 222 -1.24 17.81 16.96
C LYS C 222 -0.86 17.36 15.54
N MET C 223 0.03 18.12 14.91
CA MET C 223 0.49 17.77 13.57
C MET C 223 1.43 16.58 13.61
N LEU C 224 2.33 16.55 14.58
CA LEU C 224 3.28 15.47 14.77
C LEU C 224 3.32 15.17 16.25
N ARG C 225 3.20 13.90 16.62
CA ARG C 225 3.17 13.51 18.02
C ARG C 225 4.07 12.31 18.21
N ILE C 226 5.07 12.44 19.08
CA ILE C 226 6.06 11.40 19.27
C ILE C 226 5.95 10.87 20.69
N ARG C 227 5.91 9.54 20.82
CA ARG C 227 5.82 8.90 22.12
C ARG C 227 6.75 7.69 22.21
N ASN C 228 7.18 7.36 23.41
CA ASN C 228 8.08 6.25 23.65
C ASN C 228 7.67 5.59 24.95
N LYS C 229 7.36 4.30 24.91
CA LYS C 229 6.93 3.60 26.12
C LYS C 229 5.63 4.22 26.64
N ASN C 230 4.73 4.62 25.73
CA ASN C 230 3.43 5.19 26.11
C ASN C 230 3.38 6.62 26.67
N GLU C 231 4.54 7.27 26.72
CA GLU C 231 4.71 8.63 27.20
C GLU C 231 5.23 9.64 26.17
N ASP C 232 4.53 10.77 26.10
CA ASP C 232 4.86 11.85 25.18
C ASP C 232 6.28 12.39 25.37
N LYS C 233 7.00 12.41 24.26
CA LYS C 233 8.36 12.91 24.17
C LYS C 233 8.51 14.19 23.36
N PHE C 234 7.77 14.34 22.25
CA PHE C 234 7.95 15.48 21.36
C PHE C 234 6.69 15.63 20.52
N TYR C 235 6.24 16.88 20.33
CA TYR C 235 5.10 17.11 19.44
C TYR C 235 5.16 18.49 18.83
N VAL C 236 4.52 18.63 17.67
CA VAL C 236 4.26 19.92 17.03
C VAL C 236 2.76 20.15 17.06
N GLY C 237 2.34 21.27 17.62
CA GLY C 237 0.94 21.57 17.77
C GLY C 237 0.34 22.12 16.49
N PRO C 238 -0.97 22.37 16.52
CA PRO C 238 -1.64 22.89 15.32
C PRO C 238 -1.19 24.27 14.91
N ASP C 239 -0.63 25.05 15.83
CA ASP C 239 -0.11 26.38 15.53
C ASP C 239 1.35 26.38 15.11
N GLY C 240 2.00 25.21 15.06
CA GLY C 240 3.39 25.12 14.69
C GLY C 240 4.38 25.20 15.84
N GLY C 241 3.91 25.47 17.06
CA GLY C 241 4.78 25.38 18.21
C GLY C 241 5.15 23.93 18.51
N PHE C 242 6.36 23.73 19.00
CA PHE C 242 6.85 22.40 19.33
C PHE C 242 7.06 22.28 20.84
N HIS C 243 6.95 21.07 21.34
CA HIS C 243 7.24 20.76 22.73
C HIS C 243 8.25 19.62 22.75
N SER C 244 9.46 19.87 23.24
CA SER C 244 10.50 18.85 23.33
C SER C 244 10.66 18.41 24.79
N GLY C 245 10.76 17.10 25.01
CA GLY C 245 10.79 16.52 26.33
C GLY C 245 12.15 16.38 26.99
N ALA C 246 13.22 16.90 26.41
CA ALA C 246 14.55 16.68 26.96
C ALA C 246 15.53 17.69 26.37
N ASN C 247 16.74 17.71 26.93
CA ASN C 247 17.81 18.57 26.45
C ASN C 247 17.93 18.51 24.93
N SER C 248 18.17 19.68 24.33
CA SER C 248 18.14 19.83 22.89
C SER C 248 19.29 20.72 22.45
N THR C 249 19.58 20.70 21.15
CA THR C 249 20.73 21.39 20.60
C THR C 249 20.39 22.02 19.25
N VAL C 250 20.83 23.26 19.06
CA VAL C 250 20.84 23.90 17.75
C VAL C 250 22.29 24.19 17.39
N ALA C 251 22.78 23.57 16.33
CA ALA C 251 24.13 23.84 15.83
C ALA C 251 24.09 25.11 14.99
N GLY C 252 23.93 26.23 15.68
CA GLY C 252 23.63 27.49 15.04
C GLY C 252 22.93 28.41 16.01
N ASN C 253 22.60 29.60 15.51
CA ASN C 253 21.84 30.55 16.30
C ASN C 253 20.34 30.22 16.23
N LEU C 254 19.64 30.55 17.31
CA LEU C 254 18.19 30.44 17.36
C LEU C 254 17.58 31.82 17.59
N THR C 255 16.74 32.24 16.65
CA THR C 255 16.00 33.49 16.79
C THR C 255 14.69 33.24 17.52
N VAL C 256 14.43 34.04 18.56
CA VAL C 256 13.22 33.94 19.38
C VAL C 256 12.71 35.33 19.66
N LYS C 257 11.48 35.42 20.14
CA LYS C 257 10.96 36.68 20.62
C LYS C 257 11.61 37.07 21.95
N ASP C 258 11.57 38.36 22.25
CA ASP C 258 12.03 38.84 23.56
C ASP C 258 11.22 38.19 24.67
N PRO C 259 11.85 37.85 25.79
CA PRO C 259 11.13 37.14 26.86
C PRO C 259 10.17 38.06 27.61
N THR C 260 9.03 37.50 27.99
CA THR C 260 8.09 38.17 28.87
C THR C 260 7.73 37.32 30.09
N SER C 261 8.46 36.23 30.32
CA SER C 261 8.21 35.37 31.47
C SER C 261 9.54 34.78 31.92
N GLY C 262 9.55 34.29 33.16
CA GLY C 262 10.79 33.93 33.81
C GLY C 262 11.61 32.90 33.06
N LYS C 263 10.95 31.88 32.51
CA LYS C 263 11.65 30.78 31.85
C LYS C 263 11.73 30.92 30.34
N HIS C 264 11.23 32.04 29.78
CA HIS C 264 11.46 32.31 28.37
C HIS C 264 12.95 32.53 28.11
N ALA C 265 13.44 31.96 27.01
CA ALA C 265 14.81 32.22 26.57
C ALA C 265 15.01 33.71 26.35
N ALA C 266 16.14 34.22 26.82
CA ALA C 266 16.48 35.63 26.69
C ALA C 266 17.15 35.89 25.34
N THR C 267 16.76 37.00 24.72
CA THR C 267 17.37 37.46 23.47
C THR C 267 18.64 38.25 23.76
N LYS C 268 19.46 38.42 22.72
CA LYS C 268 20.61 39.31 22.83
C LYS C 268 20.16 40.73 23.17
N ASP C 269 19.08 41.20 22.52
CA ASP C 269 18.55 42.52 22.82
C ASP C 269 18.18 42.65 24.29
N TYR C 270 17.50 41.64 24.86
CA TYR C 270 17.08 41.72 26.25
C TYR C 270 18.28 41.82 27.19
N VAL C 271 19.31 40.99 26.96
CA VAL C 271 20.52 41.08 27.78
C VAL C 271 21.13 42.47 27.65
N ASP C 272 21.28 42.95 26.42
CA ASP C 272 21.86 44.27 26.19
C ASP C 272 20.92 45.37 26.71
N GLU C 273 19.61 45.14 26.63
CA GLU C 273 18.64 46.11 27.10
C GLU C 273 18.76 46.35 28.61
N LYS C 274 18.99 45.26 29.34
CA LYS C 274 19.13 45.30 30.79
C LYS C 274 20.48 45.84 31.19
N ILE C 275 21.54 45.42 30.49
CA ILE C 275 22.88 45.90 30.84
C ILE C 275 22.93 47.42 30.71
N ALA C 276 22.40 47.95 29.61
CA ALA C 276 22.38 49.40 29.43
C ALA C 276 21.58 50.09 30.52
N GLU C 277 20.46 49.48 30.95
CA GLU C 277 19.64 50.09 31.98
C GLU C 277 20.40 50.21 33.30
N LEU C 278 21.10 49.16 33.69
CA LEU C 278 21.85 49.19 34.94
C LEU C 278 23.05 50.13 34.83
N LYS C 279 23.73 50.12 33.67
CA LYS C 279 24.82 51.05 33.42
C LYS C 279 24.37 52.51 33.60
N LYS C 280 23.21 52.85 33.05
CA LYS C 280 22.70 54.22 33.15
C LYS C 280 22.49 54.64 34.59
N LEU C 281 21.77 53.82 35.36
CA LEU C 281 21.45 54.20 36.74
C LEU C 281 22.71 54.33 37.59
N ILE C 282 23.68 53.42 37.40
CA ILE C 282 24.89 53.46 38.20
C ILE C 282 25.73 54.68 37.86
N LEU C 283 25.90 54.97 36.56
CA LEU C 283 26.64 56.17 36.16
C LEU C 283 25.94 57.44 36.61
N LYS C 284 24.61 57.41 36.75
CA LYS C 284 23.90 58.60 37.23
C LYS C 284 24.13 58.80 38.72
N LYS C 285 24.16 57.70 39.49
CA LYS C 285 24.53 57.79 40.90
C LYS C 285 25.97 58.28 41.06
N LEU C 286 26.87 57.79 40.19
CA LEU C 286 28.29 58.15 40.30
C LEU C 286 28.52 59.61 39.94
N GLU C 287 27.82 60.11 38.92
CA GLU C 287 28.02 61.50 38.49
C GLU C 287 27.47 62.50 39.48
N HIS C 288 26.55 62.07 40.35
CA HIS C 288 25.86 62.95 41.28
C HIS C 288 26.17 62.61 42.73
N HIS C 289 27.15 61.73 42.87
CA HIS C 289 27.65 61.30 44.16
C HIS C 289 27.93 62.55 44.95
N HIS C 290 27.53 62.51 46.21
CA HIS C 290 27.68 63.61 47.15
C HIS C 290 28.12 63.18 48.54
N HIS C 291 29.30 63.66 48.95
CA HIS C 291 29.83 63.32 50.26
C HIS C 291 29.43 64.36 51.31
#